data_1Q0Q
#
_entry.id   1Q0Q
#
_cell.length_a   107.057
_cell.length_b   122.846
_cell.length_c   128.553
_cell.angle_alpha   90.00
_cell.angle_beta   90.00
_cell.angle_gamma   90.00
#
_symmetry.space_group_name_H-M   'C 2 2 21'
#
loop_
_entity.id
_entity.type
_entity.pdbx_description
1 polymer '1-deoxy-D-xylulose 5-phosphate reductoisomerase'
2 non-polymer 1-DEOXY-D-XYLULOSE-5-PHOSPHATE
3 non-polymer 'NADPH DIHYDRO-NICOTINAMIDE-ADENINE-DINUCLEOTIDE PHOSPHATE'
4 water water
#
_entity_poly.entity_id   1
_entity_poly.type   'polypeptide(L)'
_entity_poly.pdbx_seq_one_letter_code
;HHHHHHSGMKQLTILGSTGSIGCSTLDVVRHNPEHFRVVALVAGKNVTRMVEQCLEFSPRYAVMDDEASAKLLKTMLQQQ
GSRTEVLSGQQAACDMAALEDVDQVMAAIVGAAGLLPTLAAIRAGKTILLANKESLVTCGRLFMDAVKQSKAQLLPVDSE
HNAIFQSLPQPIQHNLGYADLEQNGVVSILLTGSGGPFRETPLRDLATMTPDQACRHPNWSMGRKISVDSATMMNKGLEY
IEARWLFNASASQMEVLIHPQSVIHSMVRYQDGSVLAQLGEPDMRTPIAHTMAWPNRVNSGVKPLDFCKLSALTFAAPDY
DRYPCLKLAMEAFEQGQAATTALNAANEITVAAFLAQQIRFTDIAALNLSVLEKMDMREPQCVDDVLSVDANAREVARKE
VMRLAS
;
_entity_poly.pdbx_strand_id   A,B
#
# COMPACT_ATOMS: atom_id res chain seq x y z
N MET A 9 -15.00 -0.06 -24.73
CA MET A 9 -15.45 -1.49 -24.85
C MET A 9 -14.53 -2.71 -24.76
N LYS A 10 -14.65 -3.47 -23.69
CA LYS A 10 -13.94 -4.73 -23.52
C LYS A 10 -14.96 -5.88 -23.50
N GLN A 11 -14.71 -6.89 -24.32
CA GLN A 11 -15.60 -8.03 -24.46
C GLN A 11 -15.01 -9.19 -23.68
N LEU A 12 -15.86 -9.91 -22.94
CA LEU A 12 -15.40 -10.92 -21.99
C LEU A 12 -15.87 -12.32 -22.34
N THR A 13 -15.00 -13.31 -22.11
CA THR A 13 -15.41 -14.69 -21.91
C THR A 13 -15.16 -15.00 -20.44
N ILE A 14 -16.17 -15.52 -19.75
CA ILE A 14 -16.01 -15.90 -18.34
C ILE A 14 -16.03 -17.42 -18.23
N LEU A 15 -14.89 -17.98 -17.85
CA LEU A 15 -14.78 -19.39 -17.53
C LEU A 15 -15.13 -19.57 -16.07
N GLY A 16 -16.18 -20.34 -15.80
CA GLY A 16 -16.74 -20.51 -14.47
C GLY A 16 -17.69 -19.41 -14.06
N SER A 17 -18.67 -19.10 -14.91
CA SER A 17 -19.53 -17.92 -14.72
C SER A 17 -20.51 -18.05 -13.56
N THR A 18 -20.93 -19.28 -13.29
CA THR A 18 -21.99 -19.55 -12.31
C THR A 18 -21.50 -19.64 -10.87
N GLY A 19 -20.18 -19.65 -10.67
CA GLY A 19 -19.60 -19.81 -9.35
C GLY A 19 -19.44 -18.49 -8.63
N SER A 20 -18.69 -18.51 -7.53
CA SER A 20 -18.49 -17.33 -6.67
C SER A 20 -17.79 -16.20 -7.40
N ILE A 21 -16.66 -16.50 -8.03
CA ILE A 21 -15.90 -15.50 -8.79
C ILE A 21 -16.68 -15.03 -10.02
N GLY A 22 -17.25 -15.98 -10.76
CA GLY A 22 -18.03 -15.65 -11.95
C GLY A 22 -19.16 -14.67 -11.66
N CYS A 23 -19.89 -14.91 -10.59
CA CYS A 23 -21.02 -14.05 -10.21
C CYS A 23 -20.54 -12.66 -9.78
N SER A 24 -19.41 -12.61 -9.07
CA SER A 24 -18.83 -11.34 -8.70
C SER A 24 -18.35 -10.58 -9.94
N THR A 25 -17.81 -11.31 -10.91
CA THR A 25 -17.36 -10.72 -12.17
C THR A 25 -18.54 -10.09 -12.91
N LEU A 26 -19.67 -10.80 -12.93
CA LEU A 26 -20.85 -10.32 -13.62
C LEU A 26 -21.46 -9.12 -12.90
N ASP A 27 -21.24 -9.01 -11.59
CA ASP A 27 -21.74 -7.84 -10.86
C ASP A 27 -20.91 -6.61 -11.22
N VAL A 28 -19.61 -6.78 -11.47
CA VAL A 28 -18.81 -5.67 -11.97
C VAL A 28 -19.26 -5.23 -13.36
N VAL A 29 -19.63 -6.20 -14.22
CA VAL A 29 -20.16 -5.90 -15.55
C VAL A 29 -21.49 -5.16 -15.42
N ARG A 30 -22.32 -5.62 -14.49
CA ARG A 30 -23.63 -5.02 -14.19
C ARG A 30 -23.47 -3.54 -13.81
N HIS A 31 -22.43 -3.22 -13.05
CA HIS A 31 -22.16 -1.86 -12.60
C HIS A 31 -21.53 -0.98 -13.69
N ASN A 32 -20.99 -1.60 -14.74
CA ASN A 32 -20.28 -0.89 -15.78
C ASN A 32 -20.66 -1.36 -17.21
N PRO A 33 -21.93 -1.21 -17.58
CA PRO A 33 -22.40 -1.69 -18.89
C PRO A 33 -21.86 -0.93 -20.10
N GLU A 34 -21.35 0.29 -19.89
CA GLU A 34 -20.72 1.05 -20.96
C GLU A 34 -19.26 0.66 -21.19
N HIS A 35 -18.68 -0.08 -20.24
CA HIS A 35 -17.28 -0.51 -20.30
C HIS A 35 -17.09 -1.98 -20.66
N PHE A 36 -18.05 -2.85 -20.32
CA PHE A 36 -17.89 -4.30 -20.48
C PHE A 36 -19.13 -4.94 -21.02
N ARG A 37 -18.90 -5.96 -21.93
CA ARG A 37 -19.98 -6.77 -22.51
C ARG A 37 -19.55 -8.22 -22.49
N VAL A 38 -20.51 -9.18 -22.21
CA VAL A 38 -20.15 -10.61 -22.19
C VAL A 38 -20.45 -11.22 -23.55
N VAL A 39 -19.44 -11.87 -24.14
CA VAL A 39 -19.60 -12.62 -25.38
C VAL A 39 -19.93 -14.09 -25.12
N ALA A 40 -19.28 -14.69 -24.14
CA ALA A 40 -19.51 -16.10 -23.83
C ALA A 40 -19.41 -16.40 -22.33
N LEU A 41 -20.29 -17.29 -21.89
CA LEU A 41 -20.28 -17.80 -20.51
C LEU A 41 -20.03 -19.29 -20.55
N VAL A 42 -19.12 -19.75 -19.69
CA VAL A 42 -18.76 -21.16 -19.56
C VAL A 42 -18.95 -21.58 -18.11
N ALA A 43 -19.59 -22.72 -17.89
CA ALA A 43 -19.80 -23.26 -16.53
C ALA A 43 -19.90 -24.78 -16.55
N GLY A 44 -20.28 -25.36 -15.41
CA GLY A 44 -20.26 -26.79 -15.21
C GLY A 44 -21.63 -27.41 -15.38
N LYS A 45 -22.44 -27.38 -14.32
CA LYS A 45 -23.76 -28.01 -14.33
C LYS A 45 -24.91 -27.18 -13.72
N ASN A 46 -24.63 -25.97 -13.24
CA ASN A 46 -25.67 -25.11 -12.64
C ASN A 46 -26.49 -24.41 -13.72
N VAL A 47 -27.48 -25.14 -14.24
CA VAL A 47 -28.34 -24.68 -15.32
C VAL A 47 -29.17 -23.47 -14.89
N THR A 48 -29.73 -23.53 -13.68
CA THR A 48 -30.63 -22.48 -13.18
C THR A 48 -29.94 -21.13 -13.16
N ARG A 49 -28.72 -21.11 -12.65
CA ARG A 49 -27.93 -19.89 -12.59
C ARG A 49 -27.55 -19.43 -14.00
N MET A 50 -27.14 -20.37 -14.85
CA MET A 50 -26.73 -20.03 -16.22
C MET A 50 -27.89 -19.39 -17.00
N VAL A 51 -29.10 -19.92 -16.83
CA VAL A 51 -30.29 -19.36 -17.47
C VAL A 51 -30.44 -17.89 -17.07
N GLU A 52 -30.43 -17.62 -15.77
CA GLU A 52 -30.53 -16.26 -15.25
C GLU A 52 -29.47 -15.33 -15.85
N GLN A 53 -28.22 -15.83 -15.93
CA GLN A 53 -27.11 -15.02 -16.46
C GLN A 53 -27.25 -14.77 -17.96
N CYS A 54 -27.75 -15.76 -18.69
CA CYS A 54 -27.94 -15.60 -20.13
C CYS A 54 -29.04 -14.59 -20.43
N LEU A 55 -30.11 -14.61 -19.64
CA LEU A 55 -31.22 -13.68 -19.83
C LEU A 55 -30.80 -12.24 -19.55
N GLU A 56 -29.94 -12.04 -18.55
CA GLU A 56 -29.52 -10.70 -18.17
C GLU A 56 -28.44 -10.10 -19.09
N PHE A 57 -27.44 -10.90 -19.44
CA PHE A 57 -26.26 -10.40 -20.16
C PHE A 57 -26.22 -10.73 -21.65
N SER A 58 -27.13 -11.58 -22.11
CA SER A 58 -27.30 -11.91 -23.52
C SER A 58 -26.00 -12.26 -24.24
N PRO A 59 -25.27 -13.25 -23.72
CA PRO A 59 -24.02 -13.66 -24.38
C PRO A 59 -24.34 -14.31 -25.72
N ARG A 60 -23.41 -14.23 -26.65
CA ARG A 60 -23.52 -14.96 -27.91
C ARG A 60 -23.61 -16.47 -27.66
N TYR A 61 -22.76 -16.98 -26.78
CA TYR A 61 -22.71 -18.41 -26.47
C TYR A 61 -22.73 -18.71 -24.97
N ALA A 62 -23.27 -19.87 -24.62
CA ALA A 62 -23.14 -20.44 -23.28
C ALA A 62 -22.67 -21.89 -23.41
N VAL A 63 -21.70 -22.28 -22.60
CA VAL A 63 -21.18 -23.63 -22.62
C VAL A 63 -21.33 -24.25 -21.24
N MET A 64 -21.88 -25.46 -21.19
CA MET A 64 -21.86 -26.25 -19.97
C MET A 64 -20.92 -27.42 -20.21
N ASP A 65 -20.17 -27.83 -19.19
CA ASP A 65 -19.28 -28.97 -19.34
C ASP A 65 -20.10 -30.23 -19.40
N ASP A 66 -21.07 -30.30 -18.48
CA ASP A 66 -22.04 -31.38 -18.38
C ASP A 66 -22.96 -31.40 -19.61
N GLU A 67 -22.92 -32.48 -20.37
CA GLU A 67 -23.70 -32.59 -21.62
C GLU A 67 -25.21 -32.67 -21.36
N ALA A 68 -25.60 -33.28 -20.25
CA ALA A 68 -26.99 -33.29 -19.81
C ALA A 68 -27.47 -31.89 -19.42
N SER A 69 -26.58 -31.12 -18.80
CA SER A 69 -26.90 -29.74 -18.42
C SER A 69 -27.07 -28.84 -19.64
N ALA A 70 -26.30 -29.09 -20.69
CA ALA A 70 -26.41 -28.31 -21.92
C ALA A 70 -27.75 -28.57 -22.60
N LYS A 71 -28.20 -29.82 -22.52
CA LYS A 71 -29.50 -30.21 -23.07
C LYS A 71 -30.61 -29.43 -22.37
N LEU A 72 -30.58 -29.43 -21.04
CA LEU A 72 -31.58 -28.72 -20.24
C LEU A 72 -31.52 -27.21 -20.46
N LEU A 73 -30.30 -26.67 -20.55
CA LEU A 73 -30.11 -25.23 -20.77
C LEU A 73 -30.72 -24.79 -22.09
N LYS A 74 -30.46 -25.55 -23.15
CA LYS A 74 -30.99 -25.25 -24.47
C LYS A 74 -32.51 -25.15 -24.43
N THR A 75 -33.14 -26.13 -23.78
CA THR A 75 -34.60 -26.18 -23.69
C THR A 75 -35.15 -24.97 -22.96
N MET A 76 -34.53 -24.60 -21.85
CA MET A 76 -35.01 -23.50 -21.03
C MET A 76 -34.80 -22.15 -21.69
N LEU A 77 -33.67 -21.98 -22.37
CA LEU A 77 -33.36 -20.74 -23.07
C LEU A 77 -34.32 -20.52 -24.24
N GLN A 78 -34.64 -21.57 -24.99
CA GLN A 78 -35.55 -21.46 -26.14
C GLN A 78 -36.98 -21.21 -25.68
N GLN A 79 -37.37 -21.79 -24.55
CA GLN A 79 -38.69 -21.57 -23.97
C GLN A 79 -38.87 -20.13 -23.51
N GLN A 80 -37.79 -19.52 -23.02
CA GLN A 80 -37.83 -18.17 -22.46
C GLN A 80 -37.34 -17.09 -23.44
N GLY A 81 -37.14 -17.46 -24.70
CA GLY A 81 -36.90 -16.50 -25.77
C GLY A 81 -35.48 -15.97 -25.95
N SER A 82 -34.51 -16.60 -25.28
CA SER A 82 -33.11 -16.22 -25.41
C SER A 82 -32.52 -16.67 -26.75
N ARG A 83 -31.68 -15.82 -27.32
CA ARG A 83 -30.98 -16.14 -28.58
C ARG A 83 -29.57 -16.66 -28.36
N THR A 84 -29.19 -16.81 -27.09
CA THR A 84 -27.93 -17.43 -26.73
C THR A 84 -27.89 -18.88 -27.19
N GLU A 85 -26.82 -19.25 -27.89
CA GLU A 85 -26.67 -20.60 -28.40
C GLU A 85 -25.81 -21.41 -27.46
N VAL A 86 -26.17 -22.69 -27.28
CA VAL A 86 -25.60 -23.54 -26.26
C VAL A 86 -24.67 -24.59 -26.88
N LEU A 87 -23.50 -24.73 -26.27
CA LEU A 87 -22.57 -25.80 -26.60
C LEU A 87 -22.20 -26.53 -25.31
N SER A 88 -21.39 -27.58 -25.43
CA SER A 88 -20.98 -28.36 -24.29
C SER A 88 -19.58 -28.94 -24.45
N GLY A 89 -18.92 -29.19 -23.33
CA GLY A 89 -17.64 -29.89 -23.33
C GLY A 89 -16.43 -28.99 -23.31
N GLN A 90 -15.29 -29.61 -23.03
CA GLN A 90 -14.03 -28.92 -22.82
C GLN A 90 -13.58 -28.15 -24.06
N GLN A 91 -13.67 -28.78 -25.23
CA GLN A 91 -13.20 -28.16 -26.46
C GLN A 91 -13.98 -26.88 -26.78
N ALA A 92 -15.29 -26.90 -26.53
CA ALA A 92 -16.13 -25.73 -26.72
C ALA A 92 -15.69 -24.58 -25.83
N ALA A 93 -15.32 -24.90 -24.58
CA ALA A 93 -14.78 -23.90 -23.65
C ALA A 93 -13.48 -23.29 -24.18
N CYS A 94 -12.62 -24.11 -24.76
CA CYS A 94 -11.38 -23.63 -25.35
C CYS A 94 -11.68 -22.69 -26.52
N ASP A 95 -12.69 -23.06 -27.31
CA ASP A 95 -13.12 -22.24 -28.44
C ASP A 95 -13.70 -20.88 -28.01
N MET A 96 -14.41 -20.86 -26.89
CA MET A 96 -15.00 -19.60 -26.39
C MET A 96 -13.91 -18.66 -25.90
N ALA A 97 -12.85 -19.23 -25.33
CA ALA A 97 -11.75 -18.46 -24.78
C ALA A 97 -10.89 -17.81 -25.86
N ALA A 98 -10.99 -18.31 -27.10
CA ALA A 98 -10.15 -17.83 -28.20
C ALA A 98 -10.91 -17.10 -29.30
N LEU A 99 -12.16 -16.72 -29.03
CA LEU A 99 -12.95 -15.99 -30.01
C LEU A 99 -12.27 -14.68 -30.37
N GLU A 100 -12.35 -14.33 -31.66
CA GLU A 100 -11.76 -13.10 -32.20
C GLU A 100 -12.14 -11.85 -31.42
N ASP A 101 -13.42 -11.70 -31.13
CA ASP A 101 -13.95 -10.47 -30.53
C ASP A 101 -13.65 -10.36 -29.03
N VAL A 102 -13.24 -11.46 -28.42
CA VAL A 102 -12.94 -11.46 -26.99
C VAL A 102 -11.64 -10.72 -26.68
N ASP A 103 -11.71 -9.81 -25.70
CA ASP A 103 -10.53 -9.08 -25.21
C ASP A 103 -9.98 -9.69 -23.93
N GLN A 104 -10.84 -9.92 -22.95
CA GLN A 104 -10.45 -10.46 -21.64
C GLN A 104 -11.12 -11.79 -21.37
N VAL A 105 -10.39 -12.71 -20.75
CA VAL A 105 -10.93 -13.96 -20.27
C VAL A 105 -10.78 -14.05 -18.77
N MET A 106 -11.91 -14.13 -18.07
CA MET A 106 -11.92 -14.41 -16.64
C MET A 106 -11.75 -15.92 -16.46
N ALA A 107 -10.58 -16.31 -15.96
CA ALA A 107 -10.27 -17.72 -15.69
C ALA A 107 -10.66 -18.05 -14.25
N ALA A 108 -11.88 -18.54 -14.07
CA ALA A 108 -12.44 -18.81 -12.76
C ALA A 108 -13.15 -20.18 -12.64
N ILE A 109 -12.71 -21.14 -13.46
CA ILE A 109 -13.06 -22.53 -13.24
C ILE A 109 -12.29 -23.02 -12.01
N VAL A 110 -12.91 -23.86 -11.19
CA VAL A 110 -12.21 -24.45 -10.05
C VAL A 110 -11.35 -25.65 -10.46
N GLY A 111 -10.14 -25.71 -9.92
CA GLY A 111 -9.26 -26.85 -10.10
C GLY A 111 -8.52 -26.87 -11.42
N ALA A 112 -7.75 -27.93 -11.63
CA ALA A 112 -6.95 -28.13 -12.84
C ALA A 112 -7.80 -28.30 -14.10
N ALA A 113 -9.10 -28.55 -13.93
CA ALA A 113 -10.04 -28.58 -15.05
C ALA A 113 -10.05 -27.27 -15.86
N GLY A 114 -9.68 -26.17 -15.22
CA GLY A 114 -9.57 -24.89 -15.91
C GLY A 114 -8.33 -24.70 -16.78
N LEU A 115 -7.39 -25.65 -16.74
CA LEU A 115 -6.10 -25.46 -17.40
C LEU A 115 -6.18 -25.30 -18.92
N LEU A 116 -6.84 -26.23 -19.60
CA LEU A 116 -6.85 -26.23 -21.06
C LEU A 116 -7.59 -25.01 -21.66
N PRO A 117 -8.76 -24.66 -21.15
CA PRO A 117 -9.44 -23.42 -21.60
C PRO A 117 -8.64 -22.14 -21.31
N THR A 118 -7.90 -22.11 -20.20
CA THR A 118 -7.08 -20.96 -19.85
C THR A 118 -5.87 -20.86 -20.79
N LEU A 119 -5.24 -22.00 -21.07
CA LEU A 119 -4.13 -22.09 -22.00
C LEU A 119 -4.58 -21.70 -23.43
N ALA A 120 -5.82 -22.00 -23.77
CA ALA A 120 -6.37 -21.62 -25.07
C ALA A 120 -6.49 -20.10 -25.21
N ALA A 121 -6.91 -19.43 -24.12
CA ALA A 121 -6.97 -17.98 -24.10
C ALA A 121 -5.57 -17.37 -24.22
N ILE A 122 -4.62 -18.00 -23.53
CA ILE A 122 -3.23 -17.52 -23.55
C ILE A 122 -2.66 -17.59 -24.98
N ARG A 123 -2.86 -18.71 -25.66
CA ARG A 123 -2.33 -18.91 -27.01
C ARG A 123 -2.96 -17.94 -28.02
N ALA A 124 -4.22 -17.56 -27.77
CA ALA A 124 -4.92 -16.58 -28.60
C ALA A 124 -4.52 -15.14 -28.27
N GLY A 125 -3.69 -14.95 -27.24
CA GLY A 125 -3.13 -13.65 -26.92
C GLY A 125 -4.03 -12.74 -26.12
N LYS A 126 -4.97 -13.31 -25.37
CA LYS A 126 -5.97 -12.52 -24.65
C LYS A 126 -5.43 -12.04 -23.31
N THR A 127 -6.09 -11.04 -22.74
CA THR A 127 -5.83 -10.61 -21.37
C THR A 127 -6.45 -11.65 -20.44
N ILE A 128 -5.62 -12.27 -19.61
CA ILE A 128 -6.05 -13.32 -18.68
C ILE A 128 -6.25 -12.73 -17.28
N LEU A 129 -7.50 -12.72 -16.82
CA LEU A 129 -7.82 -12.37 -15.45
C LEU A 129 -7.77 -13.68 -14.67
N LEU A 130 -6.63 -13.97 -14.04
CA LEU A 130 -6.37 -15.27 -13.42
C LEU A 130 -6.85 -15.38 -11.97
N ALA A 131 -7.99 -16.02 -11.78
CA ALA A 131 -8.47 -16.38 -10.44
C ALA A 131 -8.13 -17.83 -10.11
N ASN A 132 -8.17 -18.68 -11.15
CA ASN A 132 -8.04 -20.13 -11.04
C ASN A 132 -6.58 -20.53 -10.76
N LYS A 133 -6.19 -20.43 -9.50
CA LYS A 133 -4.79 -20.64 -9.11
C LYS A 133 -4.26 -22.06 -9.38
N GLU A 134 -5.13 -23.06 -9.35
CA GLU A 134 -4.72 -24.45 -9.54
C GLU A 134 -4.12 -24.71 -10.93
N SER A 135 -4.56 -23.94 -11.93
CA SER A 135 -4.01 -24.06 -13.28
C SER A 135 -2.54 -23.65 -13.35
N LEU A 136 -2.20 -22.53 -12.70
CA LEU A 136 -0.81 -22.10 -12.64
C LEU A 136 0.00 -23.03 -11.75
N VAL A 137 -0.55 -23.43 -10.60
CA VAL A 137 0.15 -24.36 -9.70
C VAL A 137 0.50 -25.68 -10.39
N THR A 138 -0.43 -26.25 -11.14
CA THR A 138 -0.22 -27.56 -11.74
C THR A 138 0.62 -27.54 -13.00
N CYS A 139 0.73 -26.38 -13.65
CA CYS A 139 1.44 -26.24 -14.92
C CYS A 139 2.76 -25.46 -14.80
N GLY A 140 2.85 -24.59 -13.80
CA GLY A 140 4.09 -23.91 -13.44
C GLY A 140 4.77 -23.17 -14.57
N ARG A 141 6.04 -23.49 -14.80
CA ARG A 141 6.86 -22.79 -15.79
C ARG A 141 6.30 -22.89 -17.21
N LEU A 142 5.72 -24.03 -17.56
CA LEU A 142 5.08 -24.20 -18.87
C LEU A 142 3.95 -23.19 -19.11
N PHE A 143 3.20 -22.89 -18.04
CA PHE A 143 2.16 -21.85 -18.05
C PHE A 143 2.75 -20.45 -18.28
N MET A 144 3.76 -20.10 -17.49
CA MET A 144 4.36 -18.76 -17.56
C MET A 144 5.06 -18.54 -18.90
N ASP A 145 5.66 -19.61 -19.44
CA ASP A 145 6.32 -19.55 -20.73
C ASP A 145 5.31 -19.37 -21.86
N ALA A 146 4.15 -20.02 -21.75
CA ALA A 146 3.10 -19.89 -22.75
C ALA A 146 2.57 -18.46 -22.82
N VAL A 147 2.43 -17.83 -21.65
CA VAL A 147 2.05 -16.43 -21.56
C VAL A 147 3.09 -15.54 -22.25
N LYS A 148 4.37 -15.81 -22.02
CA LYS A 148 5.45 -15.00 -22.59
C LYS A 148 5.54 -15.12 -24.10
N GLN A 149 5.40 -16.36 -24.60
CA GLN A 149 5.55 -16.64 -26.04
C GLN A 149 4.38 -16.09 -26.88
N SER A 150 3.21 -15.95 -26.26
CA SER A 150 2.01 -15.52 -26.98
C SER A 150 1.71 -14.03 -26.79
N LYS A 151 2.48 -13.37 -25.94
CA LYS A 151 2.24 -11.97 -25.61
C LYS A 151 0.81 -11.78 -25.11
N ALA A 152 0.41 -12.66 -24.18
CA ALA A 152 -0.81 -12.47 -23.40
C ALA A 152 -0.44 -11.60 -22.20
N GLN A 153 -1.43 -10.91 -21.64
CA GLN A 153 -1.23 -10.09 -20.45
C GLN A 153 -1.90 -10.80 -19.27
N LEU A 154 -1.11 -11.16 -18.26
CA LEU A 154 -1.62 -11.84 -17.07
C LEU A 154 -1.91 -10.80 -15.99
N LEU A 155 -3.12 -10.84 -15.45
CA LEU A 155 -3.49 -9.96 -14.35
C LEU A 155 -4.04 -10.83 -13.21
N PRO A 156 -3.38 -10.82 -12.05
CA PRO A 156 -3.80 -11.66 -10.93
C PRO A 156 -5.09 -11.19 -10.26
N VAL A 157 -6.09 -12.05 -10.23
CA VAL A 157 -7.37 -11.77 -9.59
C VAL A 157 -7.41 -12.25 -8.13
N ASP A 158 -6.73 -13.36 -7.84
CA ASP A 158 -6.60 -13.88 -6.48
C ASP A 158 -6.29 -12.71 -5.55
N SER A 159 -7.04 -12.57 -4.46
CA SER A 159 -6.98 -11.37 -3.62
C SER A 159 -5.57 -11.00 -3.23
N GLU A 160 -4.83 -11.98 -2.74
CA GLU A 160 -3.48 -11.76 -2.23
C GLU A 160 -2.54 -11.30 -3.35
N HIS A 161 -2.65 -11.98 -4.49
CA HIS A 161 -1.75 -11.73 -5.62
C HIS A 161 -2.11 -10.41 -6.29
N ASN A 162 -3.37 -10.03 -6.22
CA ASN A 162 -3.81 -8.73 -6.71
C ASN A 162 -3.27 -7.60 -5.82
N ALA A 163 -3.24 -7.85 -4.53
CA ALA A 163 -2.79 -6.86 -3.54
C ALA A 163 -1.28 -6.64 -3.70
N ILE A 164 -0.56 -7.73 -3.94
CA ILE A 164 0.88 -7.68 -4.19
C ILE A 164 1.14 -6.93 -5.50
N PHE A 165 0.38 -7.26 -6.54
CA PHE A 165 0.47 -6.59 -7.84
C PHE A 165 0.29 -5.08 -7.70
N GLN A 166 -0.74 -4.67 -6.95
CA GLN A 166 -1.03 -3.25 -6.73
C GLN A 166 0.06 -2.57 -5.92
N SER A 167 0.79 -3.36 -5.13
CA SER A 167 1.86 -2.88 -4.25
C SER A 167 3.27 -3.02 -4.84
N LEU A 168 3.37 -3.41 -6.12
CA LEU A 168 4.65 -3.52 -6.81
C LEU A 168 4.83 -2.38 -7.82
N PRO A 169 6.08 -2.06 -8.19
CA PRO A 169 6.33 -0.96 -9.13
C PRO A 169 6.03 -1.35 -10.58
N GLN A 170 5.99 -0.37 -11.48
CA GLN A 170 5.53 -0.58 -12.85
C GLN A 170 6.36 -1.60 -13.64
N PRO A 171 7.69 -1.55 -13.55
CA PRO A 171 8.54 -2.52 -14.27
C PRO A 171 8.24 -3.99 -13.93
N ILE A 172 7.82 -4.28 -12.69
CA ILE A 172 7.39 -5.62 -12.33
C ILE A 172 5.99 -5.92 -12.89
N GLN A 173 5.07 -4.96 -12.74
CA GLN A 173 3.71 -5.11 -13.22
C GLN A 173 3.65 -5.42 -14.73
N HIS A 174 4.54 -4.78 -15.49
CA HIS A 174 4.55 -4.87 -16.97
C HIS A 174 5.45 -5.98 -17.52
N ASN A 175 6.10 -6.74 -16.63
CA ASN A 175 6.86 -7.92 -17.04
C ASN A 175 6.69 -9.02 -16.01
N LEU A 176 5.43 -9.40 -15.77
CA LEU A 176 5.07 -10.32 -14.70
C LEU A 176 5.70 -11.70 -14.88
N GLY A 177 6.41 -12.16 -13.85
CA GLY A 177 7.03 -13.47 -13.84
C GLY A 177 8.48 -13.52 -14.31
N TYR A 178 8.97 -12.42 -14.89
CA TYR A 178 10.31 -12.40 -15.50
C TYR A 178 11.20 -11.21 -15.09
N ALA A 179 10.63 -10.22 -14.40
CA ALA A 179 11.40 -9.09 -13.89
C ALA A 179 12.10 -9.45 -12.59
N ASP A 180 13.17 -8.74 -12.27
CA ASP A 180 13.98 -9.01 -11.09
C ASP A 180 13.51 -8.13 -9.93
N LEU A 181 13.07 -8.78 -8.85
CA LEU A 181 12.60 -8.09 -7.65
C LEU A 181 13.66 -7.20 -7.03
N GLU A 182 14.88 -7.74 -6.89
CA GLU A 182 15.98 -7.05 -6.23
C GLU A 182 16.38 -5.78 -6.97
N GLN A 183 16.37 -5.84 -8.30
CA GLN A 183 16.72 -4.69 -9.15
C GLN A 183 15.70 -3.57 -9.02
N ASN A 184 14.48 -3.91 -8.62
CA ASN A 184 13.42 -2.92 -8.44
C ASN A 184 13.17 -2.55 -6.98
N GLY A 185 14.10 -2.93 -6.10
CA GLY A 185 14.08 -2.50 -4.71
C GLY A 185 13.22 -3.33 -3.77
N VAL A 186 12.70 -4.46 -4.26
CA VAL A 186 11.87 -5.34 -3.44
C VAL A 186 12.74 -6.34 -2.68
N VAL A 187 12.45 -6.48 -1.37
CA VAL A 187 13.15 -7.40 -0.48
C VAL A 187 12.36 -8.70 -0.33
N SER A 188 11.04 -8.59 -0.17
CA SER A 188 10.21 -9.79 -0.10
C SER A 188 8.72 -9.49 -0.31
N ILE A 189 7.98 -10.56 -0.50
CA ILE A 189 6.55 -10.51 -0.69
C ILE A 189 5.90 -11.18 0.52
N LEU A 190 5.02 -10.43 1.21
CA LEU A 190 4.32 -10.90 2.40
C LEU A 190 2.93 -11.41 2.06
N LEU A 191 2.75 -12.72 2.13
CA LEU A 191 1.46 -13.36 1.85
C LEU A 191 0.67 -13.57 3.15
N THR A 192 -0.49 -12.92 3.29
CA THR A 192 -1.42 -13.13 4.43
C THR A 192 -2.54 -14.12 4.02
N GLY A 193 -3.19 -14.89 4.91
CA GLY A 193 -3.06 -14.83 6.35
C GLY A 193 -4.14 -15.42 7.24
N SER A 194 -5.39 -15.65 6.81
CA SER A 194 -6.51 -15.81 7.79
C SER A 194 -6.43 -16.96 8.82
N GLY A 195 -6.03 -18.16 8.39
CA GLY A 195 -5.99 -19.31 9.27
C GLY A 195 -7.23 -20.19 9.22
N GLY A 196 -8.34 -19.66 8.71
CA GLY A 196 -9.52 -20.45 8.44
C GLY A 196 -10.45 -20.56 9.64
N PRO A 197 -11.56 -21.28 9.48
CA PRO A 197 -12.56 -21.41 10.55
C PRO A 197 -12.10 -22.24 11.77
N PHE A 198 -11.08 -23.09 11.61
CA PHE A 198 -10.61 -23.94 12.70
C PHE A 198 -9.33 -23.44 13.38
N ARG A 199 -9.02 -22.16 13.20
CA ARG A 199 -7.82 -21.53 13.75
C ARG A 199 -7.68 -21.69 15.28
N GLU A 200 -8.80 -21.70 15.99
CA GLU A 200 -8.82 -21.84 17.45
C GLU A 200 -9.36 -23.18 17.93
N THR A 201 -9.78 -24.04 16.99
CA THR A 201 -10.36 -25.35 17.30
C THR A 201 -9.31 -26.29 17.86
N PRO A 202 -9.58 -26.92 19.00
CA PRO A 202 -8.66 -27.94 19.53
C PRO A 202 -8.41 -29.04 18.52
N LEU A 203 -7.19 -29.54 18.48
CA LEU A 203 -6.78 -30.53 17.47
C LEU A 203 -7.65 -31.79 17.48
N ARG A 204 -8.10 -32.20 18.65
CA ARG A 204 -8.82 -33.46 18.82
C ARG A 204 -10.30 -33.41 18.41
N ASP A 205 -10.80 -32.22 18.13
CA ASP A 205 -12.19 -32.03 17.66
C ASP A 205 -12.34 -31.91 16.14
N LEU A 206 -11.23 -31.96 15.41
CA LEU A 206 -11.27 -31.80 13.95
C LEU A 206 -11.90 -32.99 13.21
N ALA A 207 -11.77 -34.20 13.78
CA ALA A 207 -12.25 -35.42 13.14
C ALA A 207 -13.74 -35.45 12.82
N THR A 208 -14.54 -34.73 13.62
CA THR A 208 -16.00 -34.73 13.43
C THR A 208 -16.55 -33.49 12.71
N MET A 209 -15.67 -32.61 12.24
CA MET A 209 -16.09 -31.43 11.50
C MET A 209 -16.80 -31.80 10.20
N THR A 210 -17.92 -31.12 9.94
CA THR A 210 -18.73 -31.38 8.77
C THR A 210 -18.28 -30.50 7.62
N PRO A 211 -18.63 -30.86 6.39
CA PRO A 211 -18.41 -29.97 5.24
C PRO A 211 -18.92 -28.55 5.47
N ASP A 212 -20.12 -28.38 6.01
CA ASP A 212 -20.67 -27.04 6.27
C ASP A 212 -19.80 -26.24 7.24
N GLN A 213 -19.29 -26.89 8.29
CA GLN A 213 -18.42 -26.23 9.26
C GLN A 213 -17.07 -25.79 8.67
N ALA A 214 -16.49 -26.63 7.81
CA ALA A 214 -15.23 -26.32 7.14
C ALA A 214 -15.40 -25.22 6.08
N CYS A 215 -16.59 -25.14 5.50
CA CYS A 215 -16.86 -24.18 4.42
C CYS A 215 -17.29 -22.81 4.94
N ARG A 216 -17.49 -22.70 6.24
CA ARG A 216 -17.93 -21.45 6.83
C ARG A 216 -16.72 -20.56 7.14
N HIS A 217 -16.15 -19.95 6.11
CA HIS A 217 -14.97 -19.11 6.26
C HIS A 217 -15.34 -17.88 7.08
N PRO A 218 -14.50 -17.49 8.04
CA PRO A 218 -14.81 -16.32 8.88
C PRO A 218 -14.90 -14.97 8.15
N ASN A 219 -14.25 -14.83 7.00
CA ASN A 219 -14.11 -13.52 6.34
C ASN A 219 -14.60 -13.46 4.89
N TRP A 220 -14.41 -14.53 4.12
CA TRP A 220 -14.73 -14.53 2.68
C TRP A 220 -15.82 -15.54 2.36
N SER A 221 -16.80 -15.13 1.55
CA SER A 221 -17.79 -16.04 1.00
C SER A 221 -17.30 -16.54 -0.34
N MET A 222 -16.97 -17.82 -0.39
CA MET A 222 -16.32 -18.43 -1.56
C MET A 222 -16.94 -19.77 -1.89
N GLY A 223 -16.48 -20.36 -2.99
CA GLY A 223 -16.82 -21.71 -3.35
C GLY A 223 -16.37 -22.72 -2.30
N ARG A 224 -16.95 -23.91 -2.37
CA ARG A 224 -16.76 -24.92 -1.34
C ARG A 224 -15.33 -25.47 -1.31
N LYS A 225 -14.75 -25.70 -2.48
CA LYS A 225 -13.42 -26.28 -2.57
C LYS A 225 -12.38 -25.37 -1.94
N ILE A 226 -12.33 -24.11 -2.37
CA ILE A 226 -11.37 -23.17 -1.81
C ILE A 226 -11.64 -22.92 -0.31
N SER A 227 -12.91 -23.00 0.11
CA SER A 227 -13.25 -22.81 1.51
C SER A 227 -12.64 -23.93 2.36
N VAL A 228 -12.67 -25.16 1.87
CA VAL A 228 -12.04 -26.28 2.58
C VAL A 228 -10.53 -26.13 2.56
N ASP A 229 -9.98 -25.68 1.44
CA ASP A 229 -8.55 -25.41 1.33
C ASP A 229 -8.10 -24.36 2.34
N SER A 230 -8.94 -23.37 2.62
CA SER A 230 -8.60 -22.34 3.61
C SER A 230 -8.63 -22.92 5.03
N ALA A 231 -9.45 -23.94 5.25
CA ALA A 231 -9.54 -24.60 6.56
C ALA A 231 -8.31 -25.46 6.86
N THR A 232 -7.75 -26.13 5.84
CA THR A 232 -6.50 -26.89 5.99
C THR A 232 -5.26 -26.02 5.77
N MET A 233 -5.48 -24.80 5.28
CA MET A 233 -4.44 -23.90 4.76
C MET A 233 -3.66 -24.44 3.55
N MET A 234 -4.22 -25.43 2.87
CA MET A 234 -3.71 -25.83 1.56
C MET A 234 -3.84 -24.64 0.62
N ASN A 235 -4.87 -23.82 0.80
CA ASN A 235 -5.06 -22.64 -0.05
C ASN A 235 -3.85 -21.72 0.01
N LYS A 236 -3.34 -21.47 1.22
CA LYS A 236 -2.18 -20.59 1.38
C LYS A 236 -0.94 -21.20 0.73
N GLY A 237 -0.82 -22.53 0.80
CA GLY A 237 0.24 -23.25 0.12
C GLY A 237 0.17 -23.08 -1.38
N LEU A 238 -1.02 -23.22 -1.94
CA LEU A 238 -1.22 -23.01 -3.37
C LEU A 238 -0.92 -21.56 -3.75
N GLU A 239 -1.29 -20.63 -2.87
CA GLU A 239 -1.05 -19.21 -3.07
C GLU A 239 0.45 -18.86 -3.00
N TYR A 240 1.19 -19.60 -2.19
CA TYR A 240 2.64 -19.45 -2.07
C TYR A 240 3.29 -19.80 -3.40
N ILE A 241 2.90 -20.94 -3.96
CA ILE A 241 3.40 -21.40 -5.25
C ILE A 241 3.01 -20.42 -6.36
N GLU A 242 1.75 -20.02 -6.38
CA GLU A 242 1.25 -19.07 -7.36
C GLU A 242 2.08 -17.77 -7.33
N ALA A 243 2.38 -17.28 -6.12
CA ALA A 243 3.09 -16.02 -5.93
C ALA A 243 4.53 -16.08 -6.45
N ARG A 244 5.20 -17.21 -6.24
CA ARG A 244 6.58 -17.36 -6.67
C ARG A 244 6.69 -17.37 -8.19
N TRP A 245 5.72 -17.98 -8.88
CA TRP A 245 5.69 -17.92 -10.35
C TRP A 245 5.36 -16.52 -10.87
N LEU A 246 4.33 -15.90 -10.32
CA LEU A 246 3.84 -14.60 -10.82
C LEU A 246 4.85 -13.48 -10.62
N PHE A 247 5.54 -13.50 -9.49
CA PHE A 247 6.40 -12.39 -9.09
C PHE A 247 7.88 -12.75 -9.12
N ASN A 248 8.19 -13.95 -9.62
CA ASN A 248 9.57 -14.39 -9.80
C ASN A 248 10.35 -14.34 -8.48
N ALA A 249 9.75 -14.91 -7.45
CA ALA A 249 10.26 -14.84 -6.08
C ALA A 249 10.84 -16.18 -5.65
N SER A 250 11.97 -16.11 -4.97
CA SER A 250 12.61 -17.27 -4.37
C SER A 250 11.95 -17.57 -3.02
N ALA A 251 12.36 -18.65 -2.38
CA ALA A 251 11.88 -18.97 -1.05
C ALA A 251 12.24 -17.87 -0.06
N SER A 252 13.44 -17.31 -0.17
CA SER A 252 13.91 -16.27 0.77
C SER A 252 13.25 -14.91 0.53
N GLN A 253 12.57 -14.77 -0.61
CA GLN A 253 11.81 -13.56 -0.92
C GLN A 253 10.31 -13.70 -0.62
N MET A 254 9.92 -14.81 0.01
CA MET A 254 8.54 -15.03 0.43
C MET A 254 8.44 -15.10 1.94
N GLU A 255 7.37 -14.51 2.47
CA GLU A 255 7.01 -14.63 3.88
C GLU A 255 5.52 -14.94 3.93
N VAL A 256 5.15 -15.88 4.80
CA VAL A 256 3.76 -16.17 5.08
C VAL A 256 3.43 -15.65 6.48
N LEU A 257 2.36 -14.86 6.58
CA LEU A 257 1.96 -14.18 7.80
C LEU A 257 0.50 -14.46 8.07
N ILE A 258 0.17 -14.91 9.28
CA ILE A 258 -1.22 -15.06 9.69
C ILE A 258 -1.79 -13.68 10.06
N HIS A 259 -2.96 -13.35 9.51
CA HIS A 259 -3.65 -12.09 9.74
C HIS A 259 -5.16 -12.42 9.81
N PRO A 260 -5.68 -12.72 11.00
CA PRO A 260 -7.05 -13.25 11.15
C PRO A 260 -8.20 -12.41 10.58
N GLN A 261 -8.00 -11.10 10.45
CA GLN A 261 -9.08 -10.20 10.05
C GLN A 261 -9.27 -10.12 8.53
N SER A 262 -8.25 -10.49 7.77
CA SER A 262 -8.26 -10.42 6.30
C SER A 262 -8.60 -9.03 5.75
N VAL A 263 -8.10 -8.00 6.43
CA VAL A 263 -8.24 -6.61 5.99
C VAL A 263 -7.05 -6.20 5.12
N ILE A 264 -5.84 -6.42 5.61
CA ILE A 264 -4.65 -6.35 4.78
C ILE A 264 -4.60 -7.61 3.93
N HIS A 265 -4.61 -7.44 2.61
CA HIS A 265 -4.80 -8.53 1.69
C HIS A 265 -3.47 -9.16 1.24
N SER A 266 -2.39 -8.42 1.46
CA SER A 266 -1.00 -8.88 1.31
C SER A 266 -0.11 -7.66 1.09
N MET A 267 1.20 -7.83 1.16
CA MET A 267 2.12 -6.69 1.19
C MET A 267 3.45 -6.95 0.49
N VAL A 268 4.20 -5.87 0.27
CA VAL A 268 5.50 -5.94 -0.38
C VAL A 268 6.50 -5.11 0.43
N ARG A 269 7.61 -5.72 0.81
CA ARG A 269 8.70 -5.04 1.51
C ARG A 269 9.70 -4.44 0.53
N TYR A 270 10.19 -3.24 0.83
CA TYR A 270 11.18 -2.57 0.00
C TYR A 270 12.47 -2.34 0.79
N GLN A 271 13.55 -2.07 0.05
CA GLN A 271 14.92 -2.02 0.60
C GLN A 271 15.09 -0.98 1.70
N ASP A 272 14.36 0.13 1.60
CA ASP A 272 14.47 1.23 2.58
C ASP A 272 13.64 1.04 3.85
N GLY A 273 12.91 -0.07 3.94
CA GLY A 273 12.09 -0.38 5.09
C GLY A 273 10.60 -0.25 4.84
N SER A 274 10.26 0.42 3.74
CA SER A 274 8.86 0.65 3.38
C SER A 274 8.15 -0.67 3.16
N VAL A 275 6.89 -0.73 3.57
CA VAL A 275 6.03 -1.86 3.26
C VAL A 275 4.79 -1.29 2.57
N LEU A 276 4.51 -1.73 1.35
CA LEU A 276 3.30 -1.32 0.66
C LEU A 276 2.27 -2.44 0.74
N ALA A 277 1.01 -2.05 0.90
CA ALA A 277 -0.07 -3.00 1.12
C ALA A 277 -1.34 -2.53 0.44
N GLN A 278 -2.23 -3.47 0.16
CA GLN A 278 -3.59 -3.16 -0.25
C GLN A 278 -4.52 -3.70 0.84
N LEU A 279 -5.48 -2.86 1.22
CA LEU A 279 -6.52 -3.21 2.18
C LEU A 279 -7.88 -3.00 1.53
N GLY A 280 -8.91 -3.58 2.14
CA GLY A 280 -10.27 -3.35 1.69
C GLY A 280 -11.26 -4.29 2.32
N GLU A 281 -12.53 -4.11 1.98
CA GLU A 281 -13.58 -5.04 2.37
C GLU A 281 -13.23 -6.40 1.78
N PRO A 282 -13.58 -7.49 2.46
CA PRO A 282 -13.34 -8.83 1.93
C PRO A 282 -14.40 -9.16 0.88
N ASP A 283 -14.17 -8.61 -0.32
CA ASP A 283 -15.12 -8.71 -1.42
C ASP A 283 -14.33 -8.80 -2.72
N MET A 284 -14.45 -9.91 -3.42
CA MET A 284 -13.67 -10.17 -4.64
C MET A 284 -14.00 -9.24 -5.81
N ARG A 285 -15.11 -8.52 -5.76
CA ARG A 285 -15.41 -7.55 -6.80
C ARG A 285 -14.31 -6.48 -6.90
N THR A 286 -13.65 -6.18 -5.78
CA THR A 286 -12.58 -5.19 -5.79
C THR A 286 -11.40 -5.62 -6.68
N PRO A 287 -10.72 -6.74 -6.39
CA PRO A 287 -9.63 -7.20 -7.26
C PRO A 287 -10.07 -7.54 -8.69
N ILE A 288 -11.27 -8.09 -8.86
CA ILE A 288 -11.79 -8.37 -10.21
C ILE A 288 -11.89 -7.06 -10.98
N ALA A 289 -12.49 -6.03 -10.37
CA ALA A 289 -12.64 -4.73 -11.01
C ALA A 289 -11.29 -4.09 -11.29
N HIS A 290 -10.32 -4.33 -10.42
CA HIS A 290 -8.97 -3.80 -10.61
C HIS A 290 -8.36 -4.37 -11.89
N THR A 291 -8.50 -5.68 -12.12
CA THR A 291 -7.91 -6.31 -13.31
C THR A 291 -8.67 -5.95 -14.59
N MET A 292 -9.99 -5.87 -14.48
CA MET A 292 -10.83 -5.58 -15.64
C MET A 292 -10.55 -4.18 -16.19
N ALA A 293 -10.25 -3.24 -15.31
CA ALA A 293 -10.10 -1.84 -15.70
C ALA A 293 -8.65 -1.41 -15.91
N TRP A 294 -7.71 -2.18 -15.39
CA TRP A 294 -6.28 -1.83 -15.39
C TRP A 294 -5.80 -1.30 -16.77
N PRO A 295 -5.02 -0.22 -16.82
CA PRO A 295 -4.43 0.48 -15.66
C PRO A 295 -5.32 1.58 -15.06
N ASN A 296 -6.60 1.61 -15.44
CA ASN A 296 -7.57 2.54 -14.85
C ASN A 296 -8.42 1.84 -13.79
N ARG A 297 -9.37 2.59 -13.20
CA ARG A 297 -10.25 2.09 -12.16
C ARG A 297 -11.71 2.28 -12.53
N VAL A 298 -12.56 1.40 -12.01
CA VAL A 298 -14.00 1.55 -12.10
C VAL A 298 -14.66 1.30 -10.75
N ASN A 299 -15.91 1.75 -10.60
CA ASN A 299 -16.76 1.35 -9.50
C ASN A 299 -17.05 -0.14 -9.59
N SER A 300 -16.78 -0.87 -8.51
CA SER A 300 -17.00 -2.32 -8.44
C SER A 300 -18.28 -2.70 -7.71
N GLY A 301 -18.91 -1.71 -7.08
CA GLY A 301 -20.05 -1.95 -6.20
C GLY A 301 -19.65 -2.12 -4.76
N VAL A 302 -18.35 -2.21 -4.49
CA VAL A 302 -17.88 -2.41 -3.12
C VAL A 302 -17.84 -1.09 -2.38
N LYS A 303 -18.43 -1.10 -1.18
CA LYS A 303 -18.48 0.07 -0.31
C LYS A 303 -17.08 0.41 0.22
N PRO A 304 -16.83 1.69 0.52
CA PRO A 304 -15.54 2.08 1.08
C PRO A 304 -15.33 1.49 2.48
N LEU A 305 -14.13 0.97 2.72
CA LEU A 305 -13.78 0.35 3.99
C LEU A 305 -13.92 1.36 5.15
N ASP A 306 -14.70 1.00 6.17
CA ASP A 306 -14.89 1.86 7.35
C ASP A 306 -13.88 1.47 8.41
N PHE A 307 -12.79 2.21 8.52
CA PHE A 307 -11.73 1.90 9.48
C PHE A 307 -12.17 2.00 10.94
N CYS A 308 -13.17 2.83 11.22
CA CYS A 308 -13.67 2.98 12.59
C CYS A 308 -14.52 1.81 13.07
N LYS A 309 -15.03 1.02 12.14
CA LYS A 309 -15.85 -0.15 12.46
C LYS A 309 -15.01 -1.44 12.56
N LEU A 310 -13.73 -1.38 12.19
CA LEU A 310 -12.87 -2.56 12.11
C LEU A 310 -12.48 -3.11 13.49
N SER A 311 -12.38 -4.43 13.58
CA SER A 311 -11.74 -5.06 14.73
C SER A 311 -10.25 -4.73 14.66
N ALA A 312 -9.58 -4.81 15.80
CA ALA A 312 -8.14 -4.60 15.85
C ALA A 312 -7.45 -5.56 14.87
N LEU A 313 -6.46 -5.05 14.15
CA LEU A 313 -5.71 -5.86 13.18
C LEU A 313 -4.50 -6.50 13.85
N THR A 314 -4.40 -7.82 13.76
CA THR A 314 -3.34 -8.58 14.41
C THR A 314 -2.63 -9.51 13.42
N PHE A 315 -1.42 -9.92 13.80
CA PHE A 315 -0.57 -10.76 12.97
C PHE A 315 0.14 -11.80 13.82
N ALA A 316 0.42 -12.96 13.23
CA ALA A 316 1.15 -14.03 13.92
C ALA A 316 1.86 -14.93 12.92
N ALA A 317 2.89 -15.65 13.38
CA ALA A 317 3.60 -16.59 12.52
C ALA A 317 2.72 -17.84 12.29
N PRO A 318 2.82 -18.47 11.12
CA PRO A 318 2.05 -19.69 10.86
C PRO A 318 2.40 -20.83 11.82
N ASP A 319 1.39 -21.58 12.22
CA ASP A 319 1.59 -22.80 12.99
C ASP A 319 1.56 -23.99 12.03
N TYR A 320 2.74 -24.34 11.53
CA TYR A 320 2.87 -25.40 10.53
C TYR A 320 2.44 -26.78 11.05
N ASP A 321 2.54 -27.00 12.36
CA ASP A 321 2.10 -28.26 12.97
C ASP A 321 0.58 -28.43 12.95
N ARG A 322 -0.15 -27.34 13.17
CA ARG A 322 -1.61 -27.35 13.06
C ARG A 322 -2.07 -27.54 11.62
N TYR A 323 -1.26 -27.09 10.67
CA TYR A 323 -1.65 -27.05 9.26
C TYR A 323 -0.63 -27.78 8.40
N PRO A 324 -0.60 -29.10 8.45
CA PRO A 324 0.38 -29.88 7.69
C PRO A 324 0.29 -29.70 6.16
N CYS A 325 -0.88 -29.33 5.63
CA CYS A 325 -1.02 -29.07 4.19
C CYS A 325 -0.18 -27.90 3.72
N LEU A 326 -0.07 -26.85 4.55
CA LEU A 326 0.72 -25.68 4.17
C LEU A 326 2.18 -26.07 3.97
N LYS A 327 2.71 -26.81 4.95
CA LYS A 327 4.07 -27.30 4.92
C LYS A 327 4.30 -28.25 3.74
N LEU A 328 3.35 -29.15 3.53
CA LEU A 328 3.42 -30.12 2.44
C LEU A 328 3.49 -29.44 1.07
N ALA A 329 2.74 -28.36 0.90
CA ALA A 329 2.73 -27.59 -0.34
C ALA A 329 4.08 -26.96 -0.61
N MET A 330 4.67 -26.35 0.42
CA MET A 330 5.96 -25.68 0.29
C MET A 330 7.07 -26.71 0.00
N GLU A 331 6.98 -27.87 0.62
CA GLU A 331 7.93 -28.98 0.42
C GLU A 331 7.82 -29.56 -1.00
N ALA A 332 6.60 -29.72 -1.49
CA ALA A 332 6.37 -30.28 -2.82
C ALA A 332 6.95 -29.37 -3.90
N PHE A 333 6.84 -28.05 -3.71
CA PHE A 333 7.38 -27.09 -4.67
C PHE A 333 8.91 -27.18 -4.79
N GLU A 334 9.59 -27.40 -3.68
CA GLU A 334 11.05 -27.58 -3.71
C GLU A 334 11.42 -28.90 -4.40
N GLN A 335 10.59 -29.93 -4.22
CA GLN A 335 10.82 -31.22 -4.86
C GLN A 335 10.67 -31.14 -6.38
N GLY A 336 9.82 -30.24 -6.85
CA GLY A 336 9.66 -30.01 -8.28
C GLY A 336 8.22 -30.02 -8.76
N GLN A 337 8.05 -29.92 -10.07
CA GLN A 337 6.71 -29.80 -10.67
C GLN A 337 5.90 -31.08 -10.63
N ALA A 338 6.57 -32.24 -10.75
CA ALA A 338 5.86 -33.53 -10.69
C ALA A 338 5.16 -33.69 -9.34
N ALA A 339 5.88 -33.37 -8.26
CA ALA A 339 5.33 -33.45 -6.92
C ALA A 339 4.25 -32.40 -6.69
N THR A 340 4.42 -31.21 -7.25
CA THR A 340 3.46 -30.13 -7.10
C THR A 340 2.14 -30.44 -7.82
N THR A 341 2.25 -30.90 -9.06
CA THR A 341 1.10 -31.34 -9.85
C THR A 341 0.35 -32.47 -9.15
N ALA A 342 1.10 -33.43 -8.61
CA ALA A 342 0.50 -34.58 -7.94
C ALA A 342 -0.24 -34.18 -6.68
N LEU A 343 0.33 -33.23 -5.94
CA LEU A 343 -0.26 -32.79 -4.68
C LEU A 343 -1.56 -32.04 -4.93
N ASN A 344 -1.56 -31.19 -5.95
CA ASN A 344 -2.77 -30.45 -6.31
C ASN A 344 -3.89 -31.40 -6.72
N ALA A 345 -3.55 -32.40 -7.54
CA ALA A 345 -4.49 -33.43 -7.96
C ALA A 345 -5.02 -34.22 -6.77
N ALA A 346 -4.12 -34.65 -5.90
CA ALA A 346 -4.49 -35.45 -4.75
C ALA A 346 -5.48 -34.68 -3.89
N ASN A 347 -5.18 -33.41 -3.67
CA ASN A 347 -5.98 -32.55 -2.83
C ASN A 347 -7.38 -32.27 -3.41
N GLU A 348 -7.48 -32.22 -4.74
CA GLU A 348 -8.79 -32.08 -5.39
C GLU A 348 -9.66 -33.31 -5.11
N ILE A 349 -9.04 -34.50 -5.14
CA ILE A 349 -9.76 -35.74 -4.87
C ILE A 349 -10.17 -35.84 -3.40
N THR A 350 -9.26 -35.52 -2.48
CA THR A 350 -9.54 -35.65 -1.04
C THR A 350 -10.52 -34.60 -0.55
N VAL A 351 -10.40 -33.38 -1.04
CA VAL A 351 -11.35 -32.32 -0.68
C VAL A 351 -12.75 -32.72 -1.15
N ALA A 352 -12.87 -33.19 -2.39
CA ALA A 352 -14.16 -33.63 -2.92
C ALA A 352 -14.77 -34.79 -2.12
N ALA A 353 -13.94 -35.71 -1.69
CA ALA A 353 -14.40 -36.85 -0.90
C ALA A 353 -14.88 -36.40 0.48
N PHE A 354 -14.17 -35.45 1.06
CA PHE A 354 -14.59 -34.86 2.32
C PHE A 354 -15.94 -34.16 2.18
N LEU A 355 -16.10 -33.39 1.11
CA LEU A 355 -17.34 -32.66 0.87
C LEU A 355 -18.51 -33.60 0.64
N ALA A 356 -18.23 -34.79 0.09
CA ALA A 356 -19.25 -35.82 -0.14
C ALA A 356 -19.40 -36.78 1.04
N GLN A 357 -18.78 -36.44 2.17
CA GLN A 357 -18.85 -37.22 3.41
C GLN A 357 -18.32 -38.67 3.27
N GLN A 358 -17.33 -38.86 2.40
CA GLN A 358 -16.66 -40.14 2.22
C GLN A 358 -15.46 -40.31 3.16
N ILE A 359 -14.84 -39.18 3.53
CA ILE A 359 -13.72 -39.17 4.46
C ILE A 359 -13.87 -38.02 5.45
N ARG A 360 -13.07 -38.07 6.52
CA ARG A 360 -13.10 -37.01 7.54
C ARG A 360 -12.25 -35.82 7.14
N PHE A 361 -12.50 -34.68 7.75
CA PHE A 361 -11.72 -33.48 7.50
C PHE A 361 -10.23 -33.72 7.73
N THR A 362 -9.91 -34.48 8.78
CA THR A 362 -8.51 -34.77 9.12
C THR A 362 -7.85 -35.77 8.16
N ASP A 363 -8.64 -36.48 7.38
CA ASP A 363 -8.13 -37.38 6.35
C ASP A 363 -7.56 -36.66 5.13
N ILE A 364 -7.84 -35.37 4.98
CA ILE A 364 -7.38 -34.65 3.80
C ILE A 364 -5.86 -34.56 3.77
N ALA A 365 -5.28 -34.04 4.85
CA ALA A 365 -3.83 -33.85 4.92
C ALA A 365 -3.11 -35.21 4.94
N ALA A 366 -3.66 -36.15 5.69
CA ALA A 366 -3.08 -37.49 5.80
C ALA A 366 -3.00 -38.18 4.44
N LEU A 367 -4.11 -38.22 3.71
CA LEU A 367 -4.16 -38.85 2.39
C LEU A 367 -3.33 -38.09 1.34
N ASN A 368 -3.26 -36.76 1.46
CA ASN A 368 -2.47 -35.95 0.54
C ASN A 368 -0.99 -36.30 0.63
N LEU A 369 -0.50 -36.50 1.86
CA LEU A 369 0.89 -36.93 2.09
C LEU A 369 1.10 -38.35 1.57
N SER A 370 0.13 -39.23 1.84
CA SER A 370 0.21 -40.62 1.41
C SER A 370 0.33 -40.74 -0.11
N VAL A 371 -0.45 -39.97 -0.84
CA VAL A 371 -0.41 -39.98 -2.30
C VAL A 371 0.96 -39.51 -2.78
N LEU A 372 1.48 -38.42 -2.21
CA LEU A 372 2.79 -37.90 -2.59
C LEU A 372 3.91 -38.91 -2.36
N GLU A 373 3.81 -39.67 -1.27
CA GLU A 373 4.82 -40.68 -0.94
C GLU A 373 4.79 -41.86 -1.92
N LYS A 374 3.63 -42.13 -2.49
CA LYS A 374 3.47 -43.22 -3.48
C LYS A 374 3.76 -42.77 -4.91
N MET A 375 3.81 -41.45 -5.15
CA MET A 375 4.05 -40.88 -6.47
C MET A 375 5.54 -40.79 -6.77
N ASP A 376 5.98 -41.49 -7.81
CA ASP A 376 7.27 -41.20 -8.42
C ASP A 376 7.10 -41.10 -9.94
N MET A 377 7.17 -39.87 -10.44
CA MET A 377 7.08 -39.63 -11.88
C MET A 377 8.01 -38.50 -12.29
N ARG A 378 8.30 -38.47 -13.58
CA ARG A 378 9.29 -37.56 -14.13
C ARG A 378 8.73 -36.14 -14.19
N GLU A 379 9.63 -35.17 -14.24
CA GLU A 379 9.26 -33.77 -14.43
C GLU A 379 8.58 -33.60 -15.78
N PRO A 380 7.36 -33.04 -15.79
CA PRO A 380 6.68 -32.74 -17.06
C PRO A 380 7.50 -31.84 -17.97
N GLN A 381 7.61 -32.23 -19.24
CA GLN A 381 8.31 -31.44 -20.26
C GLN A 381 7.32 -30.68 -21.14
N CYS A 382 6.04 -31.02 -21.04
CA CYS A 382 4.99 -30.39 -21.83
C CYS A 382 3.63 -30.50 -21.12
N VAL A 383 2.59 -29.90 -21.70
CA VAL A 383 1.27 -29.88 -21.08
C VAL A 383 0.69 -31.30 -21.00
N ASP A 384 0.92 -32.12 -22.03
CA ASP A 384 0.45 -33.50 -22.01
C ASP A 384 1.02 -34.26 -20.81
N ASP A 385 2.30 -34.04 -20.50
CA ASP A 385 2.91 -34.64 -19.31
C ASP A 385 2.27 -34.16 -18.01
N VAL A 386 1.95 -32.86 -17.94
CA VAL A 386 1.25 -32.33 -16.78
C VAL A 386 -0.07 -33.08 -16.58
N LEU A 387 -0.80 -33.31 -17.67
CA LEU A 387 -2.08 -34.02 -17.61
C LEU A 387 -1.90 -35.47 -17.18
N SER A 388 -0.79 -36.11 -17.59
CA SER A 388 -0.52 -37.50 -17.23
C SER A 388 -0.16 -37.65 -15.75
N VAL A 389 0.62 -36.71 -15.23
CA VAL A 389 0.98 -36.71 -13.82
C VAL A 389 -0.26 -36.47 -12.97
N ASP A 390 -1.07 -35.50 -13.41
CA ASP A 390 -2.32 -35.16 -12.73
C ASP A 390 -3.28 -36.35 -12.67
N ALA A 391 -3.46 -37.02 -13.82
CA ALA A 391 -4.36 -38.17 -13.89
C ALA A 391 -3.88 -39.33 -13.01
N ASN A 392 -2.57 -39.57 -13.00
CA ASN A 392 -1.99 -40.65 -12.21
C ASN A 392 -2.21 -40.40 -10.72
N ALA A 393 -1.97 -39.17 -10.28
CA ALA A 393 -2.16 -38.79 -8.89
C ALA A 393 -3.61 -38.99 -8.46
N ARG A 394 -4.56 -38.63 -9.33
CA ARG A 394 -5.97 -38.83 -9.03
C ARG A 394 -6.32 -40.29 -8.81
N GLU A 395 -5.72 -41.19 -9.61
CA GLU A 395 -5.92 -42.63 -9.44
C GLU A 395 -5.50 -43.10 -8.05
N VAL A 396 -4.32 -42.66 -7.65
CA VAL A 396 -3.73 -43.06 -6.37
C VAL A 396 -4.59 -42.53 -5.23
N ALA A 397 -5.06 -41.29 -5.37
CA ALA A 397 -5.85 -40.64 -4.34
C ALA A 397 -7.20 -41.31 -4.20
N ARG A 398 -7.82 -41.66 -5.33
CA ARG A 398 -9.11 -42.35 -5.32
C ARG A 398 -9.01 -43.70 -4.63
N LYS A 399 -7.93 -44.43 -4.88
CA LYS A 399 -7.70 -45.71 -4.22
C LYS A 399 -7.62 -45.53 -2.70
N GLU A 400 -6.94 -44.49 -2.26
CA GLU A 400 -6.79 -44.20 -0.83
C GLU A 400 -8.11 -43.80 -0.17
N VAL A 401 -8.96 -43.09 -0.90
CA VAL A 401 -10.28 -42.73 -0.41
C VAL A 401 -11.15 -43.98 -0.26
N MET A 402 -11.04 -44.89 -1.22
CA MET A 402 -11.88 -46.09 -1.24
C MET A 402 -11.54 -47.06 -0.10
N ARG A 403 -10.30 -47.03 0.37
CA ARG A 403 -9.88 -47.86 1.50
C ARG A 403 -10.54 -47.43 2.81
N LEU A 404 -10.93 -46.15 2.90
CA LEU A 404 -11.65 -45.62 4.07
C LEU A 404 -13.17 -45.71 3.94
N ALA A 405 -13.68 -46.43 2.95
CA ALA A 405 -15.11 -46.51 2.69
C ALA A 405 -15.82 -47.37 3.75
N SER A 406 -16.88 -46.81 4.33
CA SER A 406 -17.61 -47.45 5.43
C SER A 406 -18.40 -48.67 4.97
N MET B 9 25.83 9.28 -9.03
CA MET B 9 26.22 10.04 -7.81
C MET B 9 25.53 11.38 -7.77
N LYS B 10 24.81 11.63 -6.69
CA LYS B 10 24.04 12.86 -6.50
C LYS B 10 24.61 13.68 -5.36
N GLN B 11 24.70 14.98 -5.56
CA GLN B 11 25.24 15.91 -4.58
C GLN B 11 24.10 16.63 -3.86
N LEU B 12 24.28 16.86 -2.57
CA LEU B 12 23.21 17.26 -1.67
C LEU B 12 23.56 18.50 -0.85
N THR B 13 22.61 19.42 -0.73
CA THR B 13 22.64 20.44 0.31
C THR B 13 21.58 20.06 1.35
N ILE B 14 21.95 20.10 2.63
CA ILE B 14 21.00 19.84 3.72
C ILE B 14 20.74 21.13 4.49
N LEU B 15 19.52 21.65 4.32
CA LEU B 15 19.03 22.77 5.11
C LEU B 15 18.46 22.23 6.42
N GLY B 16 19.07 22.62 7.53
CA GLY B 16 18.73 22.10 8.85
C GLY B 16 19.41 20.79 9.20
N SER B 17 20.73 20.72 9.00
CA SER B 17 21.50 19.48 9.11
C SER B 17 21.64 18.94 10.54
N THR B 18 21.64 19.84 11.51
CA THR B 18 21.89 19.48 12.91
C THR B 18 20.66 18.98 13.68
N GLY B 19 19.47 19.10 13.08
CA GLY B 19 18.23 18.71 13.74
C GLY B 19 17.89 17.25 13.52
N SER B 20 16.66 16.88 13.87
CA SER B 20 16.21 15.49 13.83
C SER B 20 16.24 14.93 12.40
N ILE B 21 15.58 15.64 11.48
CA ILE B 21 15.54 15.23 10.08
C ILE B 21 16.93 15.26 9.46
N GLY B 22 17.69 16.31 9.74
CA GLY B 22 19.04 16.46 9.23
C GLY B 22 19.94 15.28 9.55
N CYS B 23 19.93 14.87 10.81
CA CYS B 23 20.75 13.76 11.26
C CYS B 23 20.29 12.44 10.64
N SER B 24 18.98 12.27 10.48
CA SER B 24 18.45 11.08 9.81
C SER B 24 18.88 11.05 8.34
N THR B 25 18.87 12.21 7.69
CA THR B 25 19.33 12.34 6.30
C THR B 25 20.80 11.96 6.18
N LEU B 26 21.61 12.43 7.12
CA LEU B 26 23.04 12.12 7.10
C LEU B 26 23.29 10.63 7.35
N ASP B 27 22.40 9.96 8.08
CA ASP B 27 22.54 8.52 8.26
C ASP B 27 22.25 7.77 6.96
N VAL B 28 21.27 8.24 6.18
CA VAL B 28 21.01 7.64 4.87
C VAL B 28 22.24 7.80 3.95
N VAL B 29 22.90 8.96 4.03
CA VAL B 29 24.10 9.24 3.26
C VAL B 29 25.22 8.30 3.69
N ARG B 30 25.37 8.13 5.00
CA ARG B 30 26.36 7.22 5.60
C ARG B 30 26.22 5.79 5.09
N HIS B 31 24.98 5.35 4.89
CA HIS B 31 24.71 4.02 4.37
C HIS B 31 24.87 3.90 2.86
N ASN B 32 25.02 5.03 2.16
CA ASN B 32 25.10 5.05 0.70
C ASN B 32 26.13 6.04 0.14
N PRO B 33 27.40 5.90 0.53
CA PRO B 33 28.45 6.82 0.06
C PRO B 33 28.69 6.79 -1.45
N GLU B 34 28.35 5.69 -2.11
CA GLU B 34 28.51 5.59 -3.56
C GLU B 34 27.40 6.35 -4.32
N HIS B 35 26.28 6.64 -3.64
CA HIS B 35 25.12 7.27 -4.27
C HIS B 35 24.96 8.75 -3.93
N PHE B 36 25.45 9.16 -2.76
CA PHE B 36 25.20 10.51 -2.25
C PHE B 36 26.44 11.15 -1.64
N ARG B 37 26.61 12.44 -1.86
CA ARG B 37 27.74 13.22 -1.33
C ARG B 37 27.22 14.57 -0.84
N VAL B 38 27.58 14.92 0.39
CA VAL B 38 27.16 16.17 1.01
C VAL B 38 28.09 17.29 0.57
N VAL B 39 27.53 18.29 -0.10
CA VAL B 39 28.29 19.47 -0.54
C VAL B 39 28.16 20.63 0.47
N ALA B 40 26.96 20.83 1.02
CA ALA B 40 26.73 21.93 1.94
C ALA B 40 25.81 21.55 3.10
N LEU B 41 26.16 22.00 4.29
CA LEU B 41 25.35 21.82 5.49
C LEU B 41 24.94 23.19 6.01
N VAL B 42 23.66 23.34 6.35
CA VAL B 42 23.13 24.61 6.84
C VAL B 42 22.38 24.35 8.14
N ALA B 43 22.63 25.18 9.14
CA ALA B 43 22.00 25.04 10.45
C ALA B 43 21.83 26.40 11.11
N GLY B 44 21.51 26.40 12.41
CA GLY B 44 21.17 27.61 13.13
C GLY B 44 22.23 27.99 14.12
N LYS B 45 22.24 27.30 15.27
CA LYS B 45 23.09 27.63 16.40
C LYS B 45 23.87 26.45 17.00
N ASN B 46 23.56 25.21 16.60
CA ASN B 46 24.20 24.05 17.20
C ASN B 46 25.57 23.81 16.57
N VAL B 47 26.57 24.51 17.13
CA VAL B 47 27.93 24.47 16.62
C VAL B 47 28.56 23.11 16.87
N THR B 48 28.30 22.54 18.04
CA THR B 48 28.90 21.28 18.45
C THR B 48 28.55 20.15 17.48
N ARG B 49 27.28 20.07 17.10
CA ARG B 49 26.82 19.06 16.15
C ARG B 49 27.36 19.35 14.75
N MET B 50 27.40 20.63 14.36
CA MET B 50 27.86 21.00 13.03
C MET B 50 29.34 20.69 12.83
N VAL B 51 30.15 20.89 13.86
CA VAL B 51 31.57 20.54 13.79
C VAL B 51 31.69 19.05 13.52
N GLU B 52 30.99 18.25 14.30
CA GLU B 52 31.00 16.80 14.15
C GLU B 52 30.59 16.37 12.73
N GLN B 53 29.55 16.99 12.20
CA GLN B 53 29.07 16.64 10.86
C GLN B 53 30.06 17.05 9.77
N CYS B 54 30.73 18.18 9.96
CA CYS B 54 31.71 18.67 8.99
C CYS B 54 32.95 17.80 8.95
N LEU B 55 33.38 17.30 10.10
CA LEU B 55 34.58 16.45 10.17
C LEU B 55 34.30 15.08 9.54
N GLU B 56 33.06 14.61 9.65
CA GLU B 56 32.71 13.31 9.08
C GLU B 56 32.50 13.39 7.57
N PHE B 57 31.82 14.42 7.10
CA PHE B 57 31.32 14.45 5.71
C PHE B 57 32.08 15.41 4.78
N SER B 58 33.05 16.14 5.33
CA SER B 58 33.88 17.07 4.56
C SER B 58 33.10 17.85 3.49
N PRO B 59 32.07 18.58 3.92
CA PRO B 59 31.31 19.40 2.98
C PRO B 59 32.16 20.55 2.46
N ARG B 60 31.89 20.97 1.23
CA ARG B 60 32.52 22.17 0.67
C ARG B 60 32.23 23.40 1.53
N TYR B 61 30.98 23.53 1.97
CA TYR B 61 30.53 24.66 2.77
C TYR B 61 29.71 24.24 3.99
N ALA B 62 29.76 25.06 5.03
CA ALA B 62 28.86 24.94 6.17
C ALA B 62 28.37 26.34 6.53
N VAL B 63 27.07 26.48 6.79
CA VAL B 63 26.47 27.78 7.09
C VAL B 63 25.77 27.71 8.42
N MET B 64 26.06 28.67 9.31
CA MET B 64 25.25 28.88 10.49
C MET B 64 24.49 30.18 10.28
N ASP B 65 23.18 30.14 10.50
CA ASP B 65 22.35 31.32 10.30
C ASP B 65 22.73 32.39 11.32
N ASP B 66 23.01 31.95 12.54
CA ASP B 66 23.40 32.82 13.64
C ASP B 66 24.87 33.22 13.47
N GLU B 67 25.11 34.53 13.40
CA GLU B 67 26.42 35.09 13.09
C GLU B 67 27.52 34.66 14.07
N ALA B 68 27.22 34.72 15.37
CA ALA B 68 28.17 34.33 16.41
C ALA B 68 28.48 32.84 16.37
N SER B 69 27.49 32.02 16.04
CA SER B 69 27.69 30.58 15.91
C SER B 69 28.62 30.27 14.73
N ALA B 70 28.47 31.02 13.65
CA ALA B 70 29.31 30.85 12.46
C ALA B 70 30.76 31.19 12.74
N LYS B 71 30.99 32.22 13.55
CA LYS B 71 32.35 32.63 13.92
C LYS B 71 33.04 31.52 14.69
N LEU B 72 32.33 30.93 15.65
CA LEU B 72 32.86 29.81 16.44
C LEU B 72 33.13 28.60 15.58
N LEU B 73 32.27 28.33 14.61
CA LEU B 73 32.42 27.17 13.73
C LEU B 73 33.66 27.34 12.84
N LYS B 74 33.88 28.54 12.35
CA LYS B 74 35.00 28.82 11.44
C LYS B 74 36.32 28.56 12.16
N THR B 75 36.41 29.06 13.38
CA THR B 75 37.62 28.93 14.20
C THR B 75 37.91 27.48 14.57
N MET B 76 36.88 26.76 15.01
CA MET B 76 37.03 25.37 15.44
C MET B 76 37.44 24.46 14.29
N LEU B 77 36.82 24.66 13.13
CA LEU B 77 37.13 23.86 11.94
C LEU B 77 38.52 24.17 11.40
N GLN B 78 38.95 25.42 11.53
CA GLN B 78 40.28 25.84 11.07
C GLN B 78 41.39 25.13 11.87
N GLN B 79 41.23 25.08 13.19
CA GLN B 79 42.20 24.40 14.05
C GLN B 79 42.29 22.90 13.78
N GLN B 80 41.18 22.30 13.35
CA GLN B 80 41.12 20.87 13.07
C GLN B 80 41.60 20.51 11.66
N GLY B 81 42.00 21.51 10.88
CA GLY B 81 42.52 21.28 9.54
C GLY B 81 41.44 20.96 8.51
N SER B 82 40.22 21.37 8.79
CA SER B 82 39.10 21.18 7.87
C SER B 82 39.23 22.05 6.63
N ARG B 83 38.79 21.49 5.51
CA ARG B 83 38.80 22.16 4.21
C ARG B 83 37.49 22.95 3.99
N THR B 84 36.54 22.80 4.91
CA THR B 84 35.22 23.41 4.81
C THR B 84 35.28 24.93 4.98
N GLU B 85 34.66 25.64 4.03
CA GLU B 85 34.48 27.08 4.12
C GLU B 85 33.21 27.37 4.90
N VAL B 86 33.32 28.18 5.94
CA VAL B 86 32.20 28.50 6.82
C VAL B 86 31.63 29.86 6.44
N LEU B 87 30.33 29.89 6.20
CA LEU B 87 29.60 31.12 5.89
C LEU B 87 28.51 31.34 6.95
N SER B 88 27.84 32.47 6.86
CA SER B 88 26.83 32.85 7.85
C SER B 88 25.70 33.67 7.27
N GLY B 89 24.50 33.48 7.83
CA GLY B 89 23.35 34.31 7.51
C GLY B 89 22.39 33.63 6.57
N GLN B 90 21.23 34.26 6.41
CA GLN B 90 20.15 33.73 5.59
C GLN B 90 20.49 33.66 4.11
N GLN B 91 21.17 34.68 3.59
CA GLN B 91 21.49 34.73 2.17
C GLN B 91 22.42 33.59 1.77
N ALA B 92 23.42 33.31 2.62
CA ALA B 92 24.34 32.20 2.40
C ALA B 92 23.60 30.85 2.38
N ALA B 93 22.60 30.70 3.24
CA ALA B 93 21.74 29.50 3.21
C ALA B 93 21.01 29.36 1.89
N CYS B 94 20.57 30.49 1.33
CA CYS B 94 19.93 30.49 0.02
C CYS B 94 20.94 30.12 -1.07
N ASP B 95 22.16 30.65 -0.95
CA ASP B 95 23.22 30.37 -1.91
C ASP B 95 23.54 28.88 -1.96
N MET B 96 23.50 28.21 -0.80
CA MET B 96 23.81 26.78 -0.70
C MET B 96 22.71 25.94 -1.36
N ALA B 97 21.47 26.37 -1.18
CA ALA B 97 20.31 25.69 -1.75
C ALA B 97 20.30 25.80 -3.28
N ALA B 98 21.03 26.77 -3.81
CA ALA B 98 21.07 27.05 -5.25
C ALA B 98 22.41 26.73 -5.91
N LEU B 99 23.33 26.09 -5.18
CA LEU B 99 24.63 25.71 -5.76
C LEU B 99 24.40 24.98 -7.09
N GLU B 100 25.13 25.41 -8.12
CA GLU B 100 24.91 24.90 -9.47
C GLU B 100 25.26 23.41 -9.55
N ASP B 101 26.20 23.02 -8.69
CA ASP B 101 26.71 21.67 -8.54
C ASP B 101 25.76 20.65 -7.88
N VAL B 102 24.80 21.17 -7.11
CA VAL B 102 23.94 20.34 -6.26
C VAL B 102 22.70 19.82 -7.01
N ASP B 103 22.36 18.55 -6.77
CA ASP B 103 21.19 17.90 -7.37
C ASP B 103 19.95 17.95 -6.49
N GLN B 104 20.13 17.65 -5.20
CA GLN B 104 19.03 17.51 -4.26
C GLN B 104 19.23 18.46 -3.09
N VAL B 105 18.13 18.99 -2.56
CA VAL B 105 18.16 19.84 -1.38
C VAL B 105 17.14 19.29 -0.37
N MET B 106 17.64 18.84 0.79
CA MET B 106 16.79 18.47 1.92
C MET B 106 16.35 19.74 2.63
N ALA B 107 15.06 20.05 2.51
CA ALA B 107 14.46 21.20 3.15
C ALA B 107 13.95 20.78 4.53
N ALA B 108 14.78 20.97 5.54
CA ALA B 108 14.49 20.47 6.88
C ALA B 108 14.76 21.49 7.99
N ILE B 109 14.75 22.78 7.64
CA ILE B 109 14.73 23.85 8.62
C ILE B 109 13.33 23.87 9.24
N VAL B 110 13.24 24.16 10.53
CA VAL B 110 11.93 24.21 11.19
C VAL B 110 11.26 25.57 10.98
N GLY B 111 9.96 25.54 10.70
CA GLY B 111 9.17 26.75 10.61
C GLY B 111 9.33 27.51 9.31
N ALA B 112 8.75 28.70 9.28
CA ALA B 112 8.71 29.52 8.08
C ALA B 112 10.09 30.12 7.76
N ALA B 113 11.03 30.03 8.70
CA ALA B 113 12.42 30.43 8.45
C ALA B 113 13.02 29.66 7.26
N GLY B 114 12.53 28.45 7.02
CA GLY B 114 13.02 27.65 5.91
C GLY B 114 12.52 28.04 4.55
N LEU B 115 11.55 28.95 4.46
CA LEU B 115 10.89 29.30 3.20
C LEU B 115 11.82 29.90 2.15
N LEU B 116 12.60 30.91 2.51
CA LEU B 116 13.46 31.61 1.53
C LEU B 116 14.56 30.70 0.94
N PRO B 117 15.30 29.97 1.77
CA PRO B 117 16.24 28.96 1.26
C PRO B 117 15.58 27.87 0.41
N THR B 118 14.38 27.44 0.78
CA THR B 118 13.65 26.40 0.02
C THR B 118 13.20 26.94 -1.34
N LEU B 119 12.76 28.20 -1.35
CA LEU B 119 12.36 28.89 -2.57
C LEU B 119 13.56 29.09 -3.51
N ALA B 120 14.73 29.30 -2.93
CA ALA B 120 15.96 29.47 -3.72
C ALA B 120 16.33 28.17 -4.44
N ALA B 121 16.13 27.04 -3.77
CA ALA B 121 16.33 25.73 -4.39
C ALA B 121 15.32 25.48 -5.50
N ILE B 122 14.08 25.91 -5.28
CA ILE B 122 13.03 25.76 -6.29
C ILE B 122 13.37 26.58 -7.54
N ARG B 123 13.75 27.84 -7.35
CA ARG B 123 14.12 28.72 -8.46
C ARG B 123 15.31 28.19 -9.26
N ALA B 124 16.23 27.51 -8.58
CA ALA B 124 17.40 26.90 -9.22
C ALA B 124 17.08 25.56 -9.91
N GLY B 125 15.84 25.10 -9.81
CA GLY B 125 15.40 23.89 -10.50
C GLY B 125 15.83 22.59 -9.83
N LYS B 126 16.05 22.63 -8.53
CA LYS B 126 16.55 21.45 -7.80
C LYS B 126 15.41 20.47 -7.49
N THR B 127 15.81 19.24 -7.16
CA THR B 127 14.93 18.29 -6.51
C THR B 127 14.82 18.71 -5.04
N ILE B 128 13.60 18.97 -4.60
CA ILE B 128 13.31 19.41 -3.24
C ILE B 128 12.80 18.22 -2.45
N LEU B 129 13.56 17.81 -1.45
CA LEU B 129 13.14 16.80 -0.50
C LEU B 129 12.46 17.56 0.64
N LEU B 130 11.14 17.67 0.57
CA LEU B 130 10.38 18.55 1.45
C LEU B 130 9.99 17.90 2.76
N ALA B 131 10.72 18.21 3.83
CA ALA B 131 10.30 17.88 5.19
C ALA B 131 9.60 19.07 5.86
N ASN B 132 10.06 20.28 5.53
CA ASN B 132 9.69 21.53 6.20
C ASN B 132 8.31 21.99 5.75
N LYS B 133 7.28 21.41 6.37
CA LYS B 133 5.90 21.60 5.94
C LYS B 133 5.38 23.03 6.13
N GLU B 134 5.94 23.76 7.08
CA GLU B 134 5.49 25.12 7.37
C GLU B 134 5.71 26.06 6.20
N SER B 135 6.77 25.81 5.42
CA SER B 135 7.06 26.61 4.23
C SER B 135 5.95 26.48 3.19
N LEU B 136 5.48 25.27 2.95
CA LEU B 136 4.36 25.07 2.01
C LEU B 136 3.04 25.59 2.60
N VAL B 137 2.80 25.34 3.89
CA VAL B 137 1.58 25.80 4.54
C VAL B 137 1.44 27.33 4.44
N THR B 138 2.53 28.04 4.70
CA THR B 138 2.51 29.49 4.77
C THR B 138 2.53 30.18 3.39
N CYS B 139 3.00 29.47 2.37
CA CYS B 139 3.20 30.04 1.03
C CYS B 139 2.19 29.52 0.00
N GLY B 140 1.73 28.29 0.17
CA GLY B 140 0.57 27.76 -0.55
C GLY B 140 0.71 27.72 -2.06
N ARG B 141 -0.27 28.28 -2.76
CA ARG B 141 -0.28 28.33 -4.23
C ARG B 141 0.97 28.99 -4.81
N LEU B 142 1.47 30.05 -4.17
CA LEU B 142 2.70 30.70 -4.64
C LEU B 142 3.89 29.73 -4.62
N PHE B 143 3.94 28.86 -3.63
CA PHE B 143 4.98 27.82 -3.52
C PHE B 143 4.86 26.82 -4.67
N MET B 144 3.67 26.30 -4.88
CA MET B 144 3.41 25.26 -5.87
C MET B 144 3.61 25.80 -7.30
N ASP B 145 3.20 27.05 -7.53
CA ASP B 145 3.38 27.69 -8.83
C ASP B 145 4.87 27.89 -9.13
N ALA B 146 5.65 28.23 -8.10
CA ALA B 146 7.09 28.44 -8.27
C ALA B 146 7.80 27.14 -8.66
N VAL B 147 7.32 26.02 -8.12
CA VAL B 147 7.86 24.70 -8.48
C VAL B 147 7.58 24.39 -9.95
N LYS B 148 6.36 24.68 -10.41
CA LYS B 148 5.97 24.45 -11.81
C LYS B 148 6.72 25.39 -12.77
N GLN B 149 6.75 26.68 -12.45
CA GLN B 149 7.40 27.69 -13.28
C GLN B 149 8.89 27.40 -13.48
N SER B 150 9.55 26.98 -12.41
CA SER B 150 10.95 26.54 -12.48
C SER B 150 10.96 25.06 -12.81
N LYS B 151 12.14 24.46 -12.91
CA LYS B 151 12.23 23.06 -13.35
C LYS B 151 12.18 22.06 -12.19
N ALA B 152 11.72 22.51 -11.01
CA ALA B 152 11.89 21.74 -9.77
C ALA B 152 10.95 20.54 -9.64
N GLN B 153 11.39 19.55 -8.88
CA GLN B 153 10.59 18.38 -8.52
C GLN B 153 10.47 18.26 -7.01
N LEU B 154 9.23 18.33 -6.50
CA LEU B 154 8.96 18.11 -5.07
C LEU B 154 8.79 16.63 -4.78
N LEU B 155 9.51 16.15 -3.76
CA LEU B 155 9.31 14.80 -3.24
C LEU B 155 9.00 14.92 -1.75
N PRO B 156 7.82 14.46 -1.33
CA PRO B 156 7.41 14.62 0.08
C PRO B 156 8.16 13.68 1.03
N VAL B 157 8.84 14.27 2.01
CA VAL B 157 9.60 13.55 3.02
C VAL B 157 8.75 13.26 4.26
N ASP B 158 7.93 14.22 4.63
CA ASP B 158 6.98 14.07 5.73
C ASP B 158 6.32 12.70 5.64
N SER B 159 6.35 11.95 6.74
CA SER B 159 5.96 10.52 6.74
C SER B 159 4.64 10.22 6.04
N GLU B 160 3.60 10.96 6.41
CA GLU B 160 2.25 10.73 5.90
C GLU B 160 2.17 11.01 4.40
N HIS B 161 2.77 12.13 4.00
CA HIS B 161 2.75 12.56 2.61
C HIS B 161 3.60 11.68 1.74
N ASN B 162 4.70 11.16 2.30
CA ASN B 162 5.52 10.18 1.61
C ASN B 162 4.77 8.88 1.41
N ALA B 163 4.00 8.47 2.42
CA ALA B 163 3.20 7.24 2.37
C ALA B 163 2.12 7.36 1.30
N ILE B 164 1.48 8.53 1.26
CA ILE B 164 0.43 8.82 0.27
C ILE B 164 1.05 8.80 -1.12
N PHE B 165 2.19 9.46 -1.28
CA PHE B 165 2.94 9.48 -2.53
C PHE B 165 3.25 8.06 -3.03
N GLN B 166 3.78 7.22 -2.14
CA GLN B 166 4.06 5.82 -2.46
C GLN B 166 2.79 5.04 -2.85
N SER B 167 1.65 5.49 -2.37
CA SER B 167 0.36 4.83 -2.57
C SER B 167 -0.48 5.45 -3.69
N LEU B 168 0.11 6.36 -4.47
CA LEU B 168 -0.55 7.00 -5.61
C LEU B 168 0.05 6.46 -6.92
N PRO B 169 -0.71 6.53 -8.02
CA PRO B 169 -0.20 6.04 -9.31
C PRO B 169 0.79 7.01 -9.94
N GLN B 170 1.48 6.56 -10.98
CA GLN B 170 2.58 7.32 -11.58
C GLN B 170 2.16 8.66 -12.18
N PRO B 171 1.03 8.74 -12.89
CA PRO B 171 0.57 10.02 -13.42
C PRO B 171 0.45 11.13 -12.35
N ILE B 172 0.05 10.76 -11.13
CA ILE B 172 -0.02 11.73 -10.03
C ILE B 172 1.38 12.06 -9.50
N GLN B 173 2.22 11.02 -9.32
CA GLN B 173 3.58 11.19 -8.80
C GLN B 173 4.43 12.14 -9.65
N HIS B 174 4.24 12.07 -10.98
CA HIS B 174 5.06 12.78 -11.95
C HIS B 174 4.52 14.17 -12.29
N ASN B 175 3.34 14.51 -11.76
CA ASN B 175 2.76 15.84 -11.92
C ASN B 175 2.16 16.27 -10.59
N LEU B 176 3.00 16.27 -9.55
CA LEU B 176 2.55 16.51 -8.18
C LEU B 176 1.98 17.93 -8.02
N GLY B 177 0.76 18.01 -7.49
CA GLY B 177 0.10 19.28 -7.24
C GLY B 177 -0.90 19.73 -8.30
N TYR B 178 -0.86 19.09 -9.47
CA TYR B 178 -1.63 19.55 -10.63
C TYR B 178 -2.40 18.46 -11.36
N ALA B 179 -2.08 17.19 -11.11
CA ALA B 179 -2.81 16.07 -11.71
C ALA B 179 -4.17 15.93 -11.03
N ASP B 180 -5.10 15.27 -11.72
CA ASP B 180 -6.47 15.10 -11.25
C ASP B 180 -6.64 13.72 -10.60
N LEU B 181 -6.99 13.73 -9.31
CA LEU B 181 -7.19 12.51 -8.53
C LEU B 181 -8.31 11.62 -9.11
N GLU B 182 -9.47 12.22 -9.38
CA GLU B 182 -10.63 11.46 -9.88
C GLU B 182 -10.36 10.78 -11.22
N GLN B 183 -9.63 11.45 -12.10
CA GLN B 183 -9.28 10.90 -13.42
C GLN B 183 -8.33 9.73 -13.29
N ASN B 184 -7.61 9.66 -12.17
CA ASN B 184 -6.71 8.54 -11.87
C ASN B 184 -7.30 7.52 -10.89
N GLY B 185 -8.61 7.57 -10.68
CA GLY B 185 -9.32 6.57 -9.91
C GLY B 185 -9.20 6.70 -8.40
N VAL B 186 -8.67 7.82 -7.92
CA VAL B 186 -8.60 8.10 -6.50
C VAL B 186 -9.91 8.73 -5.99
N VAL B 187 -10.41 8.21 -4.88
CA VAL B 187 -11.63 8.68 -4.23
C VAL B 187 -11.28 9.65 -3.10
N SER B 188 -10.29 9.28 -2.29
CA SER B 188 -9.84 10.13 -1.21
C SER B 188 -8.48 9.74 -0.64
N ILE B 189 -7.91 10.66 0.13
CA ILE B 189 -6.62 10.49 0.78
C ILE B 189 -6.86 10.40 2.28
N LEU B 190 -6.41 9.30 2.90
CA LEU B 190 -6.60 9.03 4.32
C LEU B 190 -5.35 9.43 5.10
N LEU B 191 -5.43 10.55 5.81
CA LEU B 191 -4.32 11.07 6.59
C LEU B 191 -4.42 10.58 8.04
N THR B 192 -3.49 9.74 8.46
CA THR B 192 -3.38 9.27 9.86
C THR B 192 -2.39 10.19 10.65
N GLY B 193 -2.42 10.28 11.98
CA GLY B 193 -3.21 9.44 12.84
C GLY B 193 -2.97 9.41 14.35
N SER B 194 -1.77 9.64 14.90
CA SER B 194 -1.48 9.14 16.27
C SER B 194 -2.29 9.69 17.47
N GLY B 195 -2.53 10.99 17.51
CA GLY B 195 -3.20 11.62 18.65
C GLY B 195 -2.26 12.21 19.69
N GLY B 196 -0.97 11.85 19.63
CA GLY B 196 0.04 12.42 20.50
C GLY B 196 0.12 11.76 21.86
N PRO B 197 0.95 12.31 22.75
CA PRO B 197 1.15 11.76 24.09
C PRO B 197 -0.05 11.93 25.03
N PHE B 198 -0.91 12.91 24.76
CA PHE B 198 -2.05 13.20 25.64
C PHE B 198 -3.39 12.66 25.13
N ARG B 199 -3.36 11.66 24.26
CA ARG B 199 -4.59 11.10 23.67
C ARG B 199 -5.61 10.63 24.72
N GLU B 200 -5.12 9.99 25.77
CA GLU B 200 -5.97 9.47 26.84
C GLU B 200 -5.89 10.26 28.16
N THR B 201 -5.10 11.34 28.17
CA THR B 201 -4.95 12.16 29.37
C THR B 201 -6.29 12.82 29.73
N PRO B 202 -6.72 12.75 30.99
CA PRO B 202 -7.91 13.50 31.42
C PRO B 202 -7.83 14.96 30.98
N LEU B 203 -8.95 15.51 30.52
CA LEU B 203 -8.98 16.88 29.97
C LEU B 203 -8.51 17.94 30.97
N ARG B 204 -8.80 17.75 32.26
CA ARG B 204 -8.44 18.72 33.30
C ARG B 204 -6.93 18.77 33.58
N ASP B 205 -6.21 17.71 33.24
CA ASP B 205 -4.77 17.65 33.45
C ASP B 205 -3.95 18.34 32.36
N LEU B 206 -4.58 18.66 31.22
CA LEU B 206 -3.89 19.24 30.08
C LEU B 206 -3.25 20.59 30.38
N ALA B 207 -3.91 21.38 31.23
CA ALA B 207 -3.46 22.73 31.55
C ALA B 207 -2.11 22.78 32.28
N THR B 208 -1.75 21.70 32.96
CA THR B 208 -0.50 21.64 33.73
C THR B 208 0.61 20.76 33.11
N MET B 209 0.42 20.33 31.87
CA MET B 209 1.46 19.54 31.19
C MET B 209 2.70 20.38 30.92
N THR B 210 3.87 19.78 31.14
CA THR B 210 5.15 20.46 30.95
C THR B 210 5.64 20.25 29.51
N PRO B 211 6.58 21.08 29.06
CA PRO B 211 7.21 20.88 27.75
C PRO B 211 7.82 19.48 27.57
N ASP B 212 8.48 18.94 28.58
CA ASP B 212 9.09 17.60 28.48
C ASP B 212 8.03 16.53 28.29
N GLN B 213 6.90 16.66 28.99
CA GLN B 213 5.78 15.73 28.84
C GLN B 213 5.20 15.80 27.41
N ALA B 214 5.05 17.00 26.90
CA ALA B 214 4.44 17.22 25.57
C ALA B 214 5.34 16.70 24.45
N CYS B 215 6.65 16.70 24.67
CA CYS B 215 7.61 16.36 23.63
C CYS B 215 7.95 14.87 23.59
N ARG B 216 7.46 14.11 24.57
CA ARG B 216 7.66 12.66 24.60
C ARG B 216 6.59 11.97 23.75
N HIS B 217 6.77 12.01 22.43
CA HIS B 217 5.85 11.38 21.50
C HIS B 217 5.89 9.87 21.73
N PRO B 218 4.73 9.21 21.75
CA PRO B 218 4.71 7.76 21.98
C PRO B 218 5.40 6.92 20.90
N ASN B 219 5.58 7.45 19.69
CA ASN B 219 6.06 6.66 18.55
C ASN B 219 7.26 7.23 17.77
N TRP B 220 7.36 8.56 17.70
CA TRP B 220 8.38 9.20 16.86
C TRP B 220 9.32 10.03 17.71
N SER B 221 10.62 9.91 17.47
CA SER B 221 11.62 10.81 18.05
C SER B 221 11.84 11.99 17.10
N MET B 222 11.40 13.18 17.52
CA MET B 222 11.39 14.36 16.66
C MET B 222 11.89 15.62 17.39
N GLY B 223 12.00 16.71 16.64
CA GLY B 223 12.32 18.00 17.20
C GLY B 223 11.23 18.49 18.12
N ARG B 224 11.55 19.47 18.97
CA ARG B 224 10.63 19.91 20.00
C ARG B 224 9.36 20.59 19.43
N LYS B 225 9.52 21.40 18.39
CA LYS B 225 8.37 22.14 17.83
C LYS B 225 7.30 21.20 17.27
N ILE B 226 7.70 20.27 16.40
CA ILE B 226 6.74 19.32 15.83
C ILE B 226 6.17 18.36 16.89
N SER B 227 6.96 18.06 17.92
CA SER B 227 6.49 17.19 18.99
C SER B 227 5.35 17.85 19.76
N VAL B 228 5.47 19.15 20.01
CA VAL B 228 4.40 19.92 20.65
C VAL B 228 3.20 20.00 19.71
N ASP B 229 3.45 20.20 18.43
CA ASP B 229 2.39 20.26 17.42
C ASP B 229 1.63 18.93 17.35
N SER B 230 2.31 17.82 17.60
CA SER B 230 1.68 16.51 17.62
C SER B 230 0.80 16.34 18.87
N ALA B 231 1.21 16.96 19.97
CA ALA B 231 0.45 16.93 21.22
C ALA B 231 -0.87 17.73 21.14
N THR B 232 -0.87 18.83 20.39
CA THR B 232 -2.07 19.64 20.19
C THR B 232 -2.86 19.19 18.94
N MET B 233 -2.23 18.34 18.14
CA MET B 233 -2.67 17.97 16.78
C MET B 233 -2.71 19.13 15.76
N MET B 234 -2.05 20.24 16.09
CA MET B 234 -1.76 21.26 15.08
C MET B 234 -0.91 20.66 13.96
N ASN B 235 -0.04 19.69 14.30
CA ASN B 235 0.74 19.01 13.28
C ASN B 235 -0.17 18.39 12.24
N LYS B 236 -1.23 17.71 12.68
CA LYS B 236 -2.15 17.08 11.73
C LYS B 236 -2.90 18.13 10.91
N GLY B 237 -3.18 19.28 11.51
CA GLY B 237 -3.77 20.40 10.80
C GLY B 237 -2.86 20.92 9.69
N LEU B 238 -1.59 21.11 10.02
CA LEU B 238 -0.60 21.56 9.03
C LEU B 238 -0.43 20.51 7.93
N GLU B 239 -0.49 19.24 8.29
CA GLU B 239 -0.32 18.14 7.33
C GLU B 239 -1.54 18.02 6.43
N TYR B 240 -2.71 18.38 6.96
CA TYR B 240 -3.94 18.39 6.16
C TYR B 240 -3.77 19.43 5.06
N ILE B 241 -3.30 20.62 5.42
CA ILE B 241 -3.10 21.69 4.47
C ILE B 241 -2.04 21.28 3.44
N GLU B 242 -0.93 20.74 3.93
CA GLU B 242 0.17 20.25 3.09
C GLU B 242 -0.33 19.23 2.07
N ALA B 243 -1.17 18.30 2.50
CA ALA B 243 -1.67 17.24 1.61
C ALA B 243 -2.55 17.81 0.51
N ARG B 244 -3.38 18.79 0.85
CA ARG B 244 -4.27 19.37 -0.16
C ARG B 244 -3.52 20.05 -1.30
N TRP B 245 -2.41 20.73 -0.98
CA TRP B 245 -1.55 21.33 -2.01
C TRP B 245 -0.78 20.27 -2.82
N LEU B 246 -0.12 19.36 -2.11
CA LEU B 246 0.74 18.36 -2.76
C LEU B 246 -0.02 17.44 -3.71
N PHE B 247 -1.22 17.04 -3.33
CA PHE B 247 -1.99 16.03 -4.05
C PHE B 247 -3.23 16.60 -4.76
N ASN B 248 -3.37 17.92 -4.78
CA ASN B 248 -4.49 18.58 -5.46
C ASN B 248 -5.85 18.02 -4.99
N ALA B 249 -6.00 17.93 -3.67
CA ALA B 249 -7.19 17.33 -3.05
C ALA B 249 -8.12 18.40 -2.51
N SER B 250 -9.42 18.19 -2.75
CA SER B 250 -10.45 19.04 -2.18
C SER B 250 -10.73 18.58 -0.75
N ALA B 251 -11.54 19.35 -0.03
CA ALA B 251 -11.99 18.98 1.30
C ALA B 251 -12.72 17.63 1.33
N SER B 252 -13.51 17.37 0.30
CA SER B 252 -14.29 16.13 0.22
C SER B 252 -13.42 14.91 -0.13
N GLN B 253 -12.20 15.16 -0.63
CA GLN B 253 -11.24 14.09 -0.94
C GLN B 253 -10.22 13.84 0.17
N MET B 254 -10.42 14.43 1.35
CA MET B 254 -9.53 14.25 2.51
C MET B 254 -10.28 13.64 3.70
N GLU B 255 -9.66 12.64 4.33
CA GLU B 255 -10.17 12.05 5.56
C GLU B 255 -9.06 12.07 6.60
N VAL B 256 -9.40 12.43 7.84
CA VAL B 256 -8.45 12.36 8.94
C VAL B 256 -8.88 11.20 9.85
N LEU B 257 -7.92 10.34 10.18
CA LEU B 257 -8.17 9.08 10.86
C LEU B 257 -7.14 8.93 11.97
N ILE B 258 -7.58 8.67 13.19
CA ILE B 258 -6.68 8.41 14.30
C ILE B 258 -6.20 6.96 14.28
N HIS B 259 -4.89 6.77 14.31
CA HIS B 259 -4.24 5.47 14.36
C HIS B 259 -3.11 5.54 15.38
N PRO B 260 -3.38 5.16 16.63
CA PRO B 260 -2.42 5.41 17.73
C PRO B 260 -1.07 4.70 17.63
N GLN B 261 -0.96 3.62 16.87
CA GLN B 261 0.28 2.86 16.80
C GLN B 261 1.28 3.40 15.76
N SER B 262 0.82 4.25 14.84
CA SER B 262 1.67 4.88 13.81
C SER B 262 2.45 3.87 12.95
N VAL B 263 1.84 2.73 12.67
CA VAL B 263 2.43 1.72 11.79
C VAL B 263 2.02 1.99 10.34
N ILE B 264 0.72 2.07 10.10
CA ILE B 264 0.19 2.59 8.84
C ILE B 264 0.38 4.10 8.83
N HIS B 265 1.13 4.58 7.85
CA HIS B 265 1.62 5.95 7.83
C HIS B 265 0.70 6.91 7.06
N SER B 266 -0.15 6.33 6.23
CA SER B 266 -1.28 7.00 5.57
C SER B 266 -1.71 6.14 4.39
N MET B 267 -2.86 6.45 3.80
CA MET B 267 -3.48 5.59 2.79
C MET B 267 -4.21 6.36 1.71
N VAL B 268 -4.56 5.65 0.64
CA VAL B 268 -5.27 6.24 -0.50
C VAL B 268 -6.41 5.29 -0.90
N ARG B 269 -7.61 5.85 -1.02
CA ARG B 269 -8.81 5.12 -1.42
C ARG B 269 -8.98 5.20 -2.92
N TYR B 270 -9.33 4.08 -3.55
CA TYR B 270 -9.57 4.03 -4.98
C TYR B 270 -11.03 3.65 -5.28
N GLN B 271 -11.44 3.88 -6.52
CA GLN B 271 -12.84 3.77 -6.93
C GLN B 271 -13.41 2.36 -6.79
N ASP B 272 -12.58 1.33 -7.00
CA ASP B 272 -13.05 -0.06 -6.92
C ASP B 272 -13.15 -0.60 -5.48
N GLY B 273 -12.78 0.21 -4.49
CA GLY B 273 -12.81 -0.17 -3.09
C GLY B 273 -11.43 -0.39 -2.48
N SER B 274 -10.41 -0.49 -3.33
CA SER B 274 -9.04 -0.74 -2.89
C SER B 274 -8.54 0.43 -2.03
N VAL B 275 -7.78 0.11 -0.98
CA VAL B 275 -7.06 1.11 -0.20
C VAL B 275 -5.60 0.72 -0.24
N LEU B 276 -4.74 1.60 -0.74
CA LEU B 276 -3.30 1.34 -0.78
C LEU B 276 -2.66 2.12 0.36
N ALA B 277 -1.67 1.50 0.99
CA ALA B 277 -1.07 2.06 2.19
C ALA B 277 0.43 1.83 2.22
N GLN B 278 1.13 2.66 2.97
CA GLN B 278 2.52 2.41 3.32
C GLN B 278 2.60 2.19 4.82
N LEU B 279 3.31 1.14 5.20
CA LEU B 279 3.54 0.78 6.59
C LEU B 279 5.03 0.70 6.82
N GLY B 280 5.43 0.78 8.09
CA GLY B 280 6.82 0.58 8.44
C GLY B 280 7.12 0.98 9.87
N GLU B 281 8.37 0.81 10.26
CA GLU B 281 8.83 1.29 11.55
C GLU B 281 8.67 2.80 11.57
N PRO B 282 8.41 3.38 12.74
CA PRO B 282 8.36 4.83 12.88
C PRO B 282 9.77 5.40 12.90
N ASP B 283 10.35 5.52 11.71
CA ASP B 283 11.74 5.92 11.53
C ASP B 283 11.84 6.71 10.24
N MET B 284 12.22 7.98 10.35
CA MET B 284 12.20 8.89 9.20
C MET B 284 13.26 8.61 8.15
N ARG B 285 14.25 7.78 8.46
CA ARG B 285 15.22 7.33 7.45
C ARG B 285 14.53 6.64 6.27
N THR B 286 13.42 5.96 6.53
CA THR B 286 12.68 5.29 5.45
C THR B 286 12.14 6.28 4.40
N PRO B 287 11.24 7.20 4.76
CA PRO B 287 10.78 8.19 3.77
C PRO B 287 11.90 9.06 3.20
N ILE B 288 12.89 9.43 4.00
CA ILE B 288 14.02 10.20 3.49
C ILE B 288 14.73 9.44 2.37
N ALA B 289 14.97 8.15 2.59
CA ALA B 289 15.66 7.30 1.60
C ALA B 289 14.79 7.06 0.38
N HIS B 290 13.47 6.97 0.59
CA HIS B 290 12.54 6.88 -0.52
C HIS B 290 12.73 8.06 -1.48
N THR B 291 12.75 9.27 -0.94
CA THR B 291 12.84 10.48 -1.78
C THR B 291 14.22 10.63 -2.41
N MET B 292 15.27 10.29 -1.68
CA MET B 292 16.64 10.48 -2.19
C MET B 292 16.97 9.54 -3.35
N ALA B 293 16.37 8.34 -3.33
CA ALA B 293 16.65 7.32 -4.34
C ALA B 293 15.63 7.28 -5.48
N TRP B 294 14.45 7.87 -5.26
CA TRP B 294 13.31 7.77 -6.19
C TRP B 294 13.73 8.05 -7.63
N PRO B 295 13.29 7.22 -8.60
CA PRO B 295 12.30 6.15 -8.42
C PRO B 295 12.87 4.79 -8.02
N ASN B 296 14.17 4.71 -7.71
CA ASN B 296 14.78 3.49 -7.21
C ASN B 296 14.76 3.45 -5.68
N ARG B 297 15.32 2.39 -5.09
CA ARG B 297 15.40 2.23 -3.64
C ARG B 297 16.83 2.00 -3.15
N VAL B 298 17.07 2.38 -1.90
CA VAL B 298 18.33 2.12 -1.21
C VAL B 298 18.08 1.63 0.21
N ASN B 299 19.09 1.01 0.81
CA ASN B 299 19.12 0.71 2.24
C ASN B 299 19.14 2.02 3.03
N SER B 300 18.24 2.15 4.00
CA SER B 300 18.17 3.35 4.84
C SER B 300 18.77 3.16 6.23
N GLY B 301 19.05 1.91 6.59
CA GLY B 301 19.45 1.56 7.95
C GLY B 301 18.29 1.00 8.76
N VAL B 302 17.06 1.20 8.27
CA VAL B 302 15.87 0.68 8.95
C VAL B 302 15.70 -0.80 8.57
N LYS B 303 15.55 -1.66 9.57
CA LYS B 303 15.39 -3.09 9.34
C LYS B 303 13.93 -3.42 9.05
N PRO B 304 13.67 -4.63 8.52
CA PRO B 304 12.30 -5.04 8.21
C PRO B 304 11.37 -5.02 9.43
N LEU B 305 10.23 -4.36 9.25
CA LEU B 305 9.18 -4.28 10.26
C LEU B 305 8.72 -5.67 10.67
N ASP B 306 8.76 -5.98 11.96
CA ASP B 306 8.38 -7.30 12.45
C ASP B 306 6.90 -7.30 12.84
N PHE B 307 6.07 -7.86 11.98
CA PHE B 307 4.64 -7.88 12.22
C PHE B 307 4.23 -8.75 13.41
N CYS B 308 5.08 -9.69 13.81
CA CYS B 308 4.79 -10.55 14.96
C CYS B 308 5.07 -9.91 16.33
N LYS B 309 5.67 -8.72 16.34
CA LYS B 309 5.92 -7.98 17.58
C LYS B 309 5.15 -6.65 17.66
N LEU B 310 4.14 -6.50 16.81
CA LEU B 310 3.32 -5.29 16.82
C LEU B 310 2.23 -5.32 17.88
N SER B 311 1.86 -4.13 18.34
CA SER B 311 0.60 -3.94 19.03
C SER B 311 -0.51 -4.10 18.00
N ALA B 312 -1.71 -4.45 18.45
CA ALA B 312 -2.88 -4.51 17.58
C ALA B 312 -3.12 -3.13 16.97
N LEU B 313 -3.41 -3.09 15.67
CA LEU B 313 -3.61 -1.83 14.96
C LEU B 313 -5.08 -1.41 15.05
N THR B 314 -5.31 -0.20 15.53
CA THR B 314 -6.65 0.32 15.71
C THR B 314 -6.82 1.67 15.05
N PHE B 315 -8.06 2.04 14.80
CA PHE B 315 -8.40 3.31 14.19
C PHE B 315 -9.64 3.91 14.89
N ALA B 316 -9.76 5.22 14.80
CA ALA B 316 -10.86 5.96 15.43
C ALA B 316 -11.03 7.32 14.79
N ALA B 317 -12.24 7.88 14.92
CA ALA B 317 -12.51 9.22 14.42
C ALA B 317 -11.77 10.25 15.29
N PRO B 318 -11.37 11.38 14.70
CA PRO B 318 -10.72 12.43 15.49
C PRO B 318 -11.63 12.96 16.59
N ASP B 319 -11.02 13.31 17.72
CA ASP B 319 -11.70 13.93 18.85
C ASP B 319 -11.49 15.45 18.72
N TYR B 320 -12.32 16.09 17.92
CA TYR B 320 -12.17 17.51 17.59
C TYR B 320 -12.30 18.44 18.82
N ASP B 321 -13.14 18.06 19.78
CA ASP B 321 -13.30 18.80 21.03
C ASP B 321 -11.99 18.86 21.82
N ARG B 322 -11.31 17.72 21.88
CA ARG B 322 -10.05 17.58 22.61
C ARG B 322 -8.90 18.36 21.99
N TYR B 323 -8.93 18.52 20.67
CA TYR B 323 -7.83 19.09 19.91
C TYR B 323 -8.30 20.27 19.06
N PRO B 324 -8.60 21.40 19.69
CA PRO B 324 -9.09 22.58 18.94
C PRO B 324 -8.18 23.02 17.78
N CYS B 325 -6.87 22.79 17.86
CA CYS B 325 -5.93 23.22 16.82
C CYS B 325 -6.20 22.58 15.46
N LEU B 326 -6.72 21.35 15.47
CA LEU B 326 -7.02 20.63 14.23
C LEU B 326 -8.10 21.35 13.44
N LYS B 327 -9.22 21.62 14.09
CA LYS B 327 -10.32 22.36 13.47
C LYS B 327 -9.88 23.78 13.08
N LEU B 328 -9.02 24.40 13.90
CA LEU B 328 -8.54 25.75 13.64
C LEU B 328 -7.79 25.82 12.32
N ALA B 329 -6.93 24.83 12.07
CA ALA B 329 -6.13 24.78 10.84
C ALA B 329 -7.04 24.57 9.63
N MET B 330 -8.03 23.70 9.78
CA MET B 330 -8.95 23.40 8.69
C MET B 330 -9.78 24.63 8.32
N GLU B 331 -10.19 25.40 9.31
CA GLU B 331 -11.02 26.58 9.09
C GLU B 331 -10.20 27.75 8.57
N ALA B 332 -8.96 27.86 9.01
CA ALA B 332 -8.03 28.86 8.49
C ALA B 332 -7.85 28.64 7.00
N PHE B 333 -7.66 27.38 6.61
CA PHE B 333 -7.46 27.04 5.21
C PHE B 333 -8.69 27.40 4.38
N GLU B 334 -9.87 27.18 4.93
CA GLU B 334 -11.13 27.55 4.29
C GLU B 334 -11.17 29.05 4.05
N GLN B 335 -10.78 29.81 5.06
CA GLN B 335 -10.78 31.28 5.02
C GLN B 335 -9.88 31.81 3.92
N GLY B 336 -8.67 31.27 3.82
CA GLY B 336 -7.72 31.68 2.80
C GLY B 336 -6.28 31.65 3.27
N GLN B 337 -5.39 32.12 2.40
CA GLN B 337 -3.95 32.09 2.66
C GLN B 337 -3.49 33.06 3.75
N ALA B 338 -4.07 34.26 3.81
CA ALA B 338 -3.73 35.23 4.85
C ALA B 338 -3.98 34.64 6.25
N ALA B 339 -5.13 33.99 6.42
CA ALA B 339 -5.48 33.38 7.71
C ALA B 339 -4.55 32.22 8.01
N THR B 340 -4.20 31.45 6.98
CA THR B 340 -3.36 30.28 7.15
C THR B 340 -1.93 30.67 7.50
N THR B 341 -1.40 31.67 6.79
CA THR B 341 -0.07 32.23 7.08
C THR B 341 -0.02 32.78 8.50
N ALA B 342 -1.08 33.48 8.90
CA ALA B 342 -1.18 34.06 10.23
C ALA B 342 -1.22 32.97 11.28
N LEU B 343 -1.96 31.89 11.02
CA LEU B 343 -2.10 30.82 11.99
C LEU B 343 -0.77 30.08 12.19
N ASN B 344 -0.05 29.82 11.11
CA ASN B 344 1.23 29.16 11.23
C ASN B 344 2.21 29.97 12.07
N ALA B 345 2.27 31.27 11.77
CA ALA B 345 3.11 32.22 12.49
C ALA B 345 2.76 32.30 13.98
N ALA B 346 1.48 32.48 14.27
CA ALA B 346 0.98 32.48 15.64
C ALA B 346 1.39 31.22 16.37
N ASN B 347 1.27 30.07 15.71
CA ASN B 347 1.58 28.80 16.34
C ASN B 347 3.08 28.63 16.61
N GLU B 348 3.92 29.18 15.74
CA GLU B 348 5.36 29.13 15.99
C GLU B 348 5.68 29.91 17.27
N ILE B 349 5.03 31.06 17.43
CA ILE B 349 5.25 31.91 18.62
C ILE B 349 4.70 31.28 19.89
N THR B 350 3.49 30.73 19.84
CA THR B 350 2.88 30.17 21.04
C THR B 350 3.54 28.88 21.48
N VAL B 351 3.93 28.03 20.52
CA VAL B 351 4.65 26.81 20.85
C VAL B 351 6.00 27.14 21.50
N ALA B 352 6.72 28.12 20.95
CA ALA B 352 8.00 28.52 21.52
C ALA B 352 7.82 29.08 22.93
N ALA B 353 6.74 29.81 23.13
CA ALA B 353 6.41 30.37 24.45
C ALA B 353 6.15 29.26 25.46
N PHE B 354 5.43 28.23 25.03
CA PHE B 354 5.14 27.08 25.89
C PHE B 354 6.40 26.33 26.27
N LEU B 355 7.30 26.13 25.31
CA LEU B 355 8.56 25.43 25.54
C LEU B 355 9.46 26.21 26.51
N ALA B 356 9.38 27.53 26.47
CA ALA B 356 10.09 28.42 27.38
C ALA B 356 9.32 28.66 28.70
N GLN B 357 8.25 27.90 28.92
CA GLN B 357 7.47 27.96 30.17
C GLN B 357 6.86 29.34 30.48
N GLN B 358 6.51 30.08 29.42
CA GLN B 358 5.86 31.38 29.52
C GLN B 358 4.33 31.25 29.52
N ILE B 359 3.82 30.22 28.85
CA ILE B 359 2.38 29.94 28.82
C ILE B 359 2.11 28.46 29.09
N ARG B 360 0.84 28.13 29.33
CA ARG B 360 0.42 26.77 29.56
C ARG B 360 0.23 26.03 28.24
N PHE B 361 0.19 24.70 28.31
CA PHE B 361 0.00 23.87 27.12
C PHE B 361 -1.32 24.21 26.43
N THR B 362 -2.37 24.41 27.24
CA THR B 362 -3.69 24.73 26.72
C THR B 362 -3.82 26.17 26.20
N ASP B 363 -2.88 27.04 26.54
CA ASP B 363 -2.86 28.40 25.98
C ASP B 363 -2.44 28.44 24.50
N ILE B 364 -1.85 27.36 23.98
CA ILE B 364 -1.41 27.37 22.59
C ILE B 364 -2.63 27.54 21.67
N ALA B 365 -3.63 26.69 21.85
CA ALA B 365 -4.83 26.74 21.02
C ALA B 365 -5.64 28.04 21.25
N ALA B 366 -5.73 28.48 22.50
CA ALA B 366 -6.48 29.71 22.81
C ALA B 366 -5.82 30.95 22.21
N LEU B 367 -4.50 31.08 22.36
CA LEU B 367 -3.77 32.24 21.81
C LEU B 367 -3.71 32.22 20.28
N ASN B 368 -3.60 31.03 19.70
CA ASN B 368 -3.66 30.90 18.24
C ASN B 368 -4.98 31.46 17.71
N LEU B 369 -6.08 31.13 18.38
CA LEU B 369 -7.41 31.63 18.03
C LEU B 369 -7.49 33.15 18.21
N SER B 370 -6.93 33.63 19.32
CA SER B 370 -6.94 35.06 19.64
C SER B 370 -6.26 35.88 18.55
N VAL B 371 -5.13 35.38 18.03
CA VAL B 371 -4.39 36.07 16.97
C VAL B 371 -5.22 36.12 15.70
N LEU B 372 -5.86 35.01 15.33
CA LEU B 372 -6.69 34.97 14.12
C LEU B 372 -7.84 35.98 14.20
N GLU B 373 -8.49 36.07 15.37
CA GLU B 373 -9.59 37.00 15.58
C GLU B 373 -9.16 38.47 15.47
N LYS B 374 -7.88 38.74 15.73
CA LYS B 374 -7.33 40.09 15.66
C LYS B 374 -6.74 40.45 14.28
N MET B 375 -6.55 39.45 13.42
CA MET B 375 -6.01 39.66 12.07
C MET B 375 -7.11 39.57 11.01
N ASP B 376 -7.00 40.42 9.99
CA ASP B 376 -7.91 40.40 8.84
C ASP B 376 -7.20 41.02 7.64
N MET B 377 -6.12 40.38 7.23
CA MET B 377 -5.29 40.89 6.13
C MET B 377 -5.78 40.34 4.79
N ARG B 378 -5.42 41.04 3.72
CA ARG B 378 -5.77 40.63 2.38
C ARG B 378 -4.90 39.44 1.95
N GLU B 379 -5.33 38.76 0.90
CA GLU B 379 -4.64 37.58 0.41
C GLU B 379 -3.32 37.98 -0.23
N PRO B 380 -2.22 37.34 0.20
CA PRO B 380 -0.91 37.62 -0.39
C PRO B 380 -0.88 37.41 -1.91
N GLN B 381 -0.25 38.33 -2.63
CA GLN B 381 -0.13 38.27 -4.09
C GLN B 381 1.28 37.88 -4.52
N CYS B 382 2.23 37.94 -3.59
CA CYS B 382 3.61 37.54 -3.83
C CYS B 382 4.24 37.07 -2.53
N VAL B 383 5.49 36.62 -2.60
CA VAL B 383 6.17 36.09 -1.42
C VAL B 383 6.40 37.18 -0.36
N ASP B 384 6.63 38.41 -0.80
CA ASP B 384 6.79 39.55 0.12
C ASP B 384 5.54 39.78 0.98
N ASP B 385 4.37 39.57 0.39
CA ASP B 385 3.10 39.69 1.11
C ASP B 385 2.96 38.56 2.14
N VAL B 386 3.38 37.35 1.78
CA VAL B 386 3.38 36.22 2.71
C VAL B 386 4.21 36.57 3.95
N LEU B 387 5.40 37.12 3.71
CA LEU B 387 6.29 37.53 4.80
C LEU B 387 5.73 38.67 5.66
N SER B 388 4.96 39.58 5.06
CA SER B 388 4.34 40.69 5.80
C SER B 388 3.26 40.19 6.74
N VAL B 389 2.39 39.31 6.24
CA VAL B 389 1.36 38.70 7.05
C VAL B 389 2.00 37.88 8.17
N ASP B 390 3.06 37.16 7.83
CA ASP B 390 3.77 36.34 8.81
C ASP B 390 4.33 37.20 9.93
N ALA B 391 5.02 38.28 9.54
CA ALA B 391 5.64 39.19 10.50
C ALA B 391 4.61 39.88 11.39
N ASN B 392 3.49 40.27 10.80
CA ASN B 392 2.40 40.94 11.52
C ASN B 392 1.77 40.02 12.55
N ALA B 393 1.53 38.77 12.16
CA ALA B 393 0.93 37.78 13.05
C ALA B 393 1.86 37.39 14.19
N ARG B 394 3.16 37.36 13.92
CA ARG B 394 4.15 37.10 14.98
C ARG B 394 4.10 38.19 16.05
N GLU B 395 3.94 39.44 15.62
CA GLU B 395 3.92 40.57 16.54
C GLU B 395 2.65 40.55 17.39
N VAL B 396 1.53 40.22 16.77
CA VAL B 396 0.26 40.11 17.47
C VAL B 396 0.35 38.96 18.49
N ALA B 397 1.01 37.87 18.10
CA ALA B 397 1.16 36.70 18.94
C ALA B 397 2.07 36.98 20.13
N ARG B 398 3.13 37.75 19.90
CA ARG B 398 4.04 38.12 20.98
C ARG B 398 3.32 38.96 22.03
N LYS B 399 2.45 39.87 21.59
CA LYS B 399 1.68 40.71 22.51
C LYS B 399 0.65 39.91 23.32
N GLU B 400 0.02 38.91 22.70
CA GLU B 400 -0.94 38.06 23.41
C GLU B 400 -0.24 37.17 24.45
N VAL B 401 0.96 36.70 24.13
CA VAL B 401 1.75 35.90 25.07
C VAL B 401 2.12 36.75 26.29
N MET B 402 2.51 38.00 26.04
CA MET B 402 2.94 38.91 27.09
C MET B 402 1.79 39.29 28.03
N ARG B 403 0.57 39.25 27.53
CA ARG B 403 -0.62 39.53 28.35
C ARG B 403 -0.86 38.42 29.40
N LEU B 404 -0.38 37.22 29.13
CA LEU B 404 -0.41 36.11 30.09
C LEU B 404 0.92 35.95 30.84
N ALA B 405 1.71 37.02 30.94
CA ALA B 405 3.02 36.96 31.59
C ALA B 405 2.87 36.95 33.11
N SER B 406 3.29 35.85 33.73
CA SER B 406 3.14 35.65 35.18
C SER B 406 4.42 36.02 35.92
#